data_4DY8
# 
_entry.id   4DY8 
# 
_audit_conform.dict_name       mmcif_pdbx.dic 
_audit_conform.dict_version    5.388 
_audit_conform.dict_location   http://mmcif.pdb.org/dictionaries/ascii/mmcif_pdbx.dic 
# 
loop_
_database_2.database_id 
_database_2.database_code 
_database_2.pdbx_database_accession 
_database_2.pdbx_DOI 
PDB   4DY8         pdb_00004dy8 10.2210/pdb4dy8/pdb 
NDB   NA1649       ?            ?                   
RCSB  RCSB070932   ?            ?                   
WWPDB D_1000070932 ?            ?                   
# 
loop_
_pdbx_audit_revision_history.ordinal 
_pdbx_audit_revision_history.data_content_type 
_pdbx_audit_revision_history.major_revision 
_pdbx_audit_revision_history.minor_revision 
_pdbx_audit_revision_history.revision_date 
1 'Structure model' 1 0 2012-11-28 
2 'Structure model' 1 1 2012-12-12 
3 'Structure model' 1 2 2024-03-20 
# 
_pdbx_audit_revision_details.ordinal             1 
_pdbx_audit_revision_details.revision_ordinal    1 
_pdbx_audit_revision_details.data_content_type   'Structure model' 
_pdbx_audit_revision_details.provider            repository 
_pdbx_audit_revision_details.type                'Initial release' 
_pdbx_audit_revision_details.description         ? 
_pdbx_audit_revision_details.details             ? 
# 
loop_
_pdbx_audit_revision_group.ordinal 
_pdbx_audit_revision_group.revision_ordinal 
_pdbx_audit_revision_group.data_content_type 
_pdbx_audit_revision_group.group 
1 2 'Structure model' 'Database references'  
2 3 'Structure model' 'Data collection'      
3 3 'Structure model' 'Database references'  
4 3 'Structure model' 'Derived calculations' 
# 
loop_
_pdbx_audit_revision_category.ordinal 
_pdbx_audit_revision_category.revision_ordinal 
_pdbx_audit_revision_category.data_content_type 
_pdbx_audit_revision_category.category 
1 3 'Structure model' chem_comp_atom 
2 3 'Structure model' chem_comp_bond 
3 3 'Structure model' database_2     
4 3 'Structure model' struct_conn    
5 3 'Structure model' struct_site    
# 
loop_
_pdbx_audit_revision_item.ordinal 
_pdbx_audit_revision_item.revision_ordinal 
_pdbx_audit_revision_item.data_content_type 
_pdbx_audit_revision_item.item 
1  3 'Structure model' '_database_2.pdbx_DOI'                 
2  3 'Structure model' '_database_2.pdbx_database_accession'  
3  3 'Structure model' '_struct_conn.pdbx_dist_value'         
4  3 'Structure model' '_struct_conn.pdbx_ptnr1_label_alt_id' 
5  3 'Structure model' '_struct_conn.pdbx_ptnr2_label_alt_id' 
6  3 'Structure model' '_struct_conn.ptnr1_auth_asym_id'      
7  3 'Structure model' '_struct_conn.ptnr1_auth_comp_id'      
8  3 'Structure model' '_struct_conn.ptnr1_auth_seq_id'       
9  3 'Structure model' '_struct_conn.ptnr1_label_asym_id'     
10 3 'Structure model' '_struct_conn.ptnr1_label_atom_id'     
11 3 'Structure model' '_struct_conn.ptnr1_label_comp_id'     
12 3 'Structure model' '_struct_conn.ptnr1_label_seq_id'      
13 3 'Structure model' '_struct_conn.ptnr2_auth_asym_id'      
14 3 'Structure model' '_struct_conn.ptnr2_auth_comp_id'      
15 3 'Structure model' '_struct_conn.ptnr2_auth_seq_id'       
16 3 'Structure model' '_struct_conn.ptnr2_label_asym_id'     
17 3 'Structure model' '_struct_conn.ptnr2_label_atom_id'     
18 3 'Structure model' '_struct_conn.ptnr2_label_comp_id'     
19 3 'Structure model' '_struct_conn.ptnr2_label_seq_id'      
20 3 'Structure model' '_struct_site.pdbx_auth_asym_id'       
21 3 'Structure model' '_struct_site.pdbx_auth_comp_id'       
22 3 'Structure model' '_struct_site.pdbx_auth_seq_id'        
# 
_pdbx_database_status.status_code                     REL 
_pdbx_database_status.entry_id                        4DY8 
_pdbx_database_status.recvd_initial_deposition_date   2012-02-28 
_pdbx_database_status.deposit_site                    RCSB 
_pdbx_database_status.process_site                    PDBJ 
_pdbx_database_status.status_code_sf                  REL 
_pdbx_database_status.status_code_mr                  ? 
_pdbx_database_status.SG_entry                        ? 
_pdbx_database_status.status_code_cs                  ? 
_pdbx_database_status.methods_development_category    ? 
_pdbx_database_status.pdb_format_compatible           Y 
_pdbx_database_status.status_code_nmr_data            ? 
# 
_pdbx_database_related.db_name        PDB 
_pdbx_database_related.db_id          4DWY 
_pdbx_database_related.details        'The same oligonucleotide sequence co-crystallized with Mn2+ in P21 space group' 
_pdbx_database_related.content_type   unspecified 
# 
loop_
_audit_author.name 
_audit_author.pdbx_ordinal 
'Mandal, P.K.'  1 
'Venkadesh, S.' 2 
'Gautham, N.'   3 
# 
_citation.id                        primary 
_citation.title                     'Interactions of Mn(2+) with a non-self-complementary Z-type DNA duplex' 
_citation.journal_abbrev            'Acta Crystallogr.,Sect.F' 
_citation.journal_volume            68 
_citation.page_first                1420 
_citation.page_last                 1426 
_citation.year                      2012 
_citation.journal_id_ASTM           ? 
_citation.country                   DK 
_citation.journal_id_ISSN           1744-3091 
_citation.journal_id_CSD            ? 
_citation.book_publisher            ? 
_citation.pdbx_database_id_PubMed   23192018 
_citation.pdbx_database_id_DOI      10.1107/S1744309112041759 
# 
loop_
_citation_author.citation_id 
_citation_author.name 
_citation_author.ordinal 
_citation_author.identifier_ORCID 
primary 'Mandal, P.K.'  1 ? 
primary 'Venkadesh, S.' 2 ? 
primary 'Gautham, N.'   3 ? 
# 
loop_
_entity.id 
_entity.type 
_entity.src_method 
_entity.pdbx_description 
_entity.formula_weight 
_entity.pdbx_number_of_molecules 
_entity.pdbx_ec 
_entity.pdbx_mutation 
_entity.pdbx_fragment 
_entity.details 
1 polymer     syn 
;DNA (5'-D(*CP*AP*CP*GP*CP*G)-3')
;
1794.206 1  ? ? ? ? 
2 polymer     syn 
;DNA (5'-D(*CP*GP*CP*GP*TP*G)-3')
;
1825.216 1  ? ? ? ? 
3 polymer     syn 
;DNA (5'-D(P*TP*G)-3')
;
588.441  2  ? ? ? ? 
4 non-polymer syn 'MANGANESE (II) ION'               54.938   1  ? ? ? ? 
5 water       nat water                              18.015   34 ? ? ? ? 
# 
loop_
_entity_poly.entity_id 
_entity_poly.type 
_entity_poly.nstd_linkage 
_entity_poly.nstd_monomer 
_entity_poly.pdbx_seq_one_letter_code 
_entity_poly.pdbx_seq_one_letter_code_can 
_entity_poly.pdbx_strand_id 
_entity_poly.pdbx_target_identifier 
1 polydeoxyribonucleotide no no '(DC)(DA)(DC)(DG)(DC)(DG)' CACGCG A   ? 
2 polydeoxyribonucleotide no no '(DC)(DG)(DC)(DG)(DT)(DG)' CGCGTG B   ? 
3 polydeoxyribonucleotide no no '(DT)(DG)'                 TG     C,D ? 
# 
loop_
_pdbx_entity_nonpoly.entity_id 
_pdbx_entity_nonpoly.name 
_pdbx_entity_nonpoly.comp_id 
4 'MANGANESE (II) ION' MN  
5 water                HOH 
# 
loop_
_entity_poly_seq.entity_id 
_entity_poly_seq.num 
_entity_poly_seq.mon_id 
_entity_poly_seq.hetero 
1 1 DC n 
1 2 DA n 
1 3 DC n 
1 4 DG n 
1 5 DC n 
1 6 DG n 
2 1 DC n 
2 2 DG n 
2 3 DC n 
2 4 DG n 
2 5 DT n 
2 6 DG n 
3 1 DT n 
3 2 DG n 
# 
loop_
_chem_comp.id 
_chem_comp.type 
_chem_comp.mon_nstd_flag 
_chem_comp.name 
_chem_comp.pdbx_synonyms 
_chem_comp.formula 
_chem_comp.formula_weight 
DA  'DNA linking' y "2'-DEOXYADENOSINE-5'-MONOPHOSPHATE" ? 'C10 H14 N5 O6 P' 331.222 
DC  'DNA linking' y "2'-DEOXYCYTIDINE-5'-MONOPHOSPHATE"  ? 'C9 H14 N3 O7 P'  307.197 
DG  'DNA linking' y "2'-DEOXYGUANOSINE-5'-MONOPHOSPHATE" ? 'C10 H14 N5 O7 P' 347.221 
DT  'DNA linking' y "THYMIDINE-5'-MONOPHOSPHATE"         ? 'C10 H15 N2 O8 P' 322.208 
HOH non-polymer   . WATER                                ? 'H2 O'            18.015  
MN  non-polymer   . 'MANGANESE (II) ION'                 ? 'Mn 2'            54.938  
# 
loop_
_pdbx_poly_seq_scheme.asym_id 
_pdbx_poly_seq_scheme.entity_id 
_pdbx_poly_seq_scheme.seq_id 
_pdbx_poly_seq_scheme.mon_id 
_pdbx_poly_seq_scheme.ndb_seq_num 
_pdbx_poly_seq_scheme.pdb_seq_num 
_pdbx_poly_seq_scheme.auth_seq_num 
_pdbx_poly_seq_scheme.pdb_mon_id 
_pdbx_poly_seq_scheme.auth_mon_id 
_pdbx_poly_seq_scheme.pdb_strand_id 
_pdbx_poly_seq_scheme.pdb_ins_code 
_pdbx_poly_seq_scheme.hetero 
A 1 1 DC 1 1  1  DC DC A . n 
A 1 2 DA 2 2  2  DA DA A . n 
A 1 3 DC 3 3  3  DC DC A . n 
A 1 4 DG 4 4  4  DG DG A . n 
A 1 5 DC 5 5  5  DC DC A . n 
A 1 6 DG 6 6  6  DG DG A . n 
B 2 1 DC 1 7  7  DC DC B . n 
B 2 2 DG 2 8  8  DG DG B . n 
B 2 3 DC 3 9  9  DC DC B . n 
B 2 4 DG 4 10 10 DG DG B . n 
B 2 5 DT 5 11 11 DT DT B . n 
B 2 6 DG 6 12 12 DG DG B . n 
C 3 1 DT 1 13 13 DT DT C . n 
C 3 2 DG 2 14 14 DG DG C . n 
D 3 1 DT 1 15 15 DT DT D . n 
D 3 2 DG 2 16 16 DG DG D . n 
# 
loop_
_pdbx_nonpoly_scheme.asym_id 
_pdbx_nonpoly_scheme.entity_id 
_pdbx_nonpoly_scheme.mon_id 
_pdbx_nonpoly_scheme.ndb_seq_num 
_pdbx_nonpoly_scheme.pdb_seq_num 
_pdbx_nonpoly_scheme.auth_seq_num 
_pdbx_nonpoly_scheme.pdb_mon_id 
_pdbx_nonpoly_scheme.auth_mon_id 
_pdbx_nonpoly_scheme.pdb_strand_id 
_pdbx_nonpoly_scheme.pdb_ins_code 
E 4 MN  1  101 1  MN  MN  A . 
F 5 HOH 1  201 3  HOH HOH A . 
F 5 HOH 2  202 4  HOH HOH A . 
F 5 HOH 3  203 9  HOH HOH A . 
F 5 HOH 4  204 13 HOH HOH A . 
F 5 HOH 5  205 16 HOH HOH A . 
F 5 HOH 6  206 18 HOH HOH A . 
F 5 HOH 7  207 21 HOH HOH A . 
F 5 HOH 8  208 23 HOH HOH A . 
F 5 HOH 9  209 25 HOH HOH A . 
F 5 HOH 10 210 29 HOH HOH A . 
F 5 HOH 11 211 30 HOH HOH A . 
F 5 HOH 12 212 32 HOH HOH A . 
F 5 HOH 13 213 5  HOH HOH A . 
F 5 HOH 14 214 10 HOH HOH A . 
F 5 HOH 15 215 26 HOH HOH A . 
G 5 HOH 1  101 2  HOH HOH B . 
G 5 HOH 2  102 6  HOH HOH B . 
G 5 HOH 3  103 11 HOH HOH B . 
G 5 HOH 4  104 12 HOH HOH B . 
G 5 HOH 5  105 17 HOH HOH B . 
G 5 HOH 6  106 20 HOH HOH B . 
G 5 HOH 7  107 27 HOH HOH B . 
G 5 HOH 8  108 28 HOH HOH B . 
G 5 HOH 9  109 34 HOH HOH B . 
H 5 HOH 1  101 7  HOH HOH C . 
H 5 HOH 2  102 8  HOH HOH C . 
H 5 HOH 3  103 14 HOH HOH C . 
H 5 HOH 4  104 15 HOH HOH C . 
H 5 HOH 5  105 19 HOH HOH C . 
H 5 HOH 6  106 33 HOH HOH C . 
I 5 HOH 1  101 1  HOH HOH D . 
I 5 HOH 2  102 22 HOH HOH D . 
I 5 HOH 3  103 24 HOH HOH D . 
I 5 HOH 4  104 31 HOH HOH D . 
# 
loop_
_software.name 
_software.classification 
_software.version 
_software.citation_id 
_software.pdbx_ordinal 
MAR345dtb 'data collection' .        ? 1 
AMoRE     phasing           .        ? 2 
REFMAC    refinement        5.5.0109 ? 3 
AUTOMAR   'data reduction'  .        ? 4 
SCALA     'data scaling'    .        ? 5 
# 
_cell.entry_id           4DY8 
_cell.length_a           35.213 
_cell.length_b           35.213 
_cell.length_c           44.452 
_cell.angle_alpha        90.00 
_cell.angle_beta         90.00 
_cell.angle_gamma        120.00 
_cell.Z_PDB              12 
_cell.pdbx_unique_axis   ? 
_cell.length_a_esd       ? 
_cell.length_b_esd       ? 
_cell.length_c_esd       ? 
_cell.angle_alpha_esd    ? 
_cell.angle_beta_esd     ? 
_cell.angle_gamma_esd    ? 
# 
_symmetry.entry_id                         4DY8 
_symmetry.space_group_name_H-M             'P 65' 
_symmetry.pdbx_full_space_group_name_H-M   ? 
_symmetry.cell_setting                     ? 
_symmetry.Int_Tables_number                170 
_symmetry.space_group_name_Hall            ? 
# 
_exptl.entry_id          4DY8 
_exptl.method            'X-RAY DIFFRACTION' 
_exptl.crystals_number   1 
# 
_exptl_crystal.id                    1 
_exptl_crystal.density_meas          ? 
_exptl_crystal.density_Matthews      1.6587 
_exptl_crystal.density_percent_sol   25.8453 
_exptl_crystal.description           ? 
_exptl_crystal.F_000                 ? 
_exptl_crystal.preparation           ? 
# 
_exptl_crystal_grow.crystal_id      1 
_exptl_crystal_grow.method          'VAPOR DIFFUSION, HANGING DROP' 
_exptl_crystal_grow.temp            293 
_exptl_crystal_grow.temp_details    ? 
_exptl_crystal_grow.pH              7.0 
_exptl_crystal_grow.pdbx_details    '50% methyl pentane diol, VAPOR DIFFUSION, HANGING DROP, temperature 293K, pH 7.0' 
_exptl_crystal_grow.pdbx_pH_range   ? 
# 
_diffrn.id                     1 
_diffrn.ambient_temp           100 
_diffrn.ambient_temp_details   ? 
_diffrn.crystal_id             1 
# 
_diffrn_detector.diffrn_id              1 
_diffrn_detector.detector               'IMAGE PLATE' 
_diffrn_detector.type                   'MAR scanner 345 mm plate' 
_diffrn_detector.pdbx_collection_date   2008-09-28 
_diffrn_detector.details                mirrors 
# 
_diffrn_radiation.diffrn_id                        1 
_diffrn_radiation.wavelength_id                    1 
_diffrn_radiation.pdbx_monochromatic_or_laue_m_l   M 
_diffrn_radiation.monochromator                    graphite 
_diffrn_radiation.pdbx_diffrn_protocol             'SINGLE WAVELENGTH' 
_diffrn_radiation.pdbx_scattering_type             x-ray 
# 
_diffrn_radiation_wavelength.id           1 
_diffrn_radiation_wavelength.wavelength   1.5418 
_diffrn_radiation_wavelength.wt           1.0 
# 
_diffrn_source.diffrn_id                   1 
_diffrn_source.source                      'ROTATING ANODE' 
_diffrn_source.type                        'BRUKER AXS MICROSTAR' 
_diffrn_source.pdbx_synchrotron_site       ? 
_diffrn_source.pdbx_synchrotron_beamline   ? 
_diffrn_source.pdbx_wavelength             ? 
_diffrn_source.pdbx_wavelength_list        1.5418 
# 
_reflns.entry_id                     4DY8 
_reflns.observed_criterion_sigma_I   ? 
_reflns.observed_criterion_sigma_F   ? 
_reflns.d_resolution_low             30 
_reflns.d_resolution_high            1.76 
_reflns.number_obs                   3133 
_reflns.number_all                   3216 
_reflns.percent_possible_obs         97.4 
_reflns.pdbx_Rmerge_I_obs            0.11 
_reflns.pdbx_Rsym_value              0.09 
_reflns.pdbx_netI_over_sigmaI        4.17 
_reflns.B_iso_Wilson_estimate        29.9 
_reflns.pdbx_redundancy              3.86 
_reflns.R_free_details               ? 
_reflns.limit_h_max                  ? 
_reflns.limit_h_min                  ? 
_reflns.limit_k_max                  ? 
_reflns.limit_k_min                  ? 
_reflns.limit_l_max                  ? 
_reflns.limit_l_min                  ? 
_reflns.observed_criterion_F_max     ? 
_reflns.observed_criterion_F_min     ? 
_reflns.pdbx_chi_squared             ? 
_reflns.pdbx_scaling_rejects         ? 
_reflns.pdbx_ordinal                 1 
_reflns.pdbx_diffrn_id               1 
# 
_reflns_shell.d_res_high                  1.76 
_reflns_shell.d_res_low                   1.82 
_reflns_shell.percent_possible_all        100 
_reflns_shell.Rmerge_I_obs                0.34 
_reflns_shell.pdbx_Rsym_value             0.30 
_reflns_shell.meanI_over_sigI_obs         1.1 
_reflns_shell.pdbx_redundancy             3.98 
_reflns_shell.percent_possible_obs        ? 
_reflns_shell.number_unique_all           ? 
_reflns_shell.number_measured_all         ? 
_reflns_shell.number_measured_obs         ? 
_reflns_shell.number_unique_obs           ? 
_reflns_shell.pdbx_chi_squared            ? 
_reflns_shell.pdbx_rejects                ? 
_reflns_shell.pdbx_netI_over_sigmaI_obs   ? 
_reflns_shell.number_possible             ? 
_reflns_shell.Rmerge_F_all                ? 
_reflns_shell.Rmerge_F_obs                ? 
_reflns_shell.Rmerge_I_all                ? 
_reflns_shell.meanI_over_sigI_all         ? 
_reflns_shell.pdbx_Rrim_I_all             ? 
_reflns_shell.pdbx_Rpim_I_all             ? 
_reflns_shell.pdbx_ordinal                1 
_reflns_shell.pdbx_diffrn_id              1 
# 
_refine.entry_id                                 4DY8 
_refine.ls_number_reflns_obs                     2938 
_refine.ls_number_reflns_all                     2982 
_refine.pdbx_ls_sigma_I                          ? 
_refine.pdbx_ls_sigma_F                          ? 
_refine.pdbx_data_cutoff_high_absF               ? 
_refine.pdbx_data_cutoff_low_absF                ? 
_refine.pdbx_data_cutoff_high_rms_absF           ? 
_refine.ls_d_res_low                             25.15 
_refine.ls_d_res_high                            1.76 
_refine.ls_percent_reflns_obs                    98.50 
_refine.ls_R_factor_obs                          0.22741 
_refine.ls_R_factor_all                          ? 
_refine.ls_R_factor_R_work                       0.22540 
_refine.ls_R_factor_R_free                       0.26150 
_refine.ls_R_factor_R_free_error                 ? 
_refine.ls_R_factor_R_free_error_details         ? 
_refine.ls_percent_reflns_R_free                 4.6 
_refine.ls_number_reflns_R_free                  141 
_refine.ls_number_parameters                     ? 
_refine.ls_number_restraints                     ? 
_refine.occupancy_min                            ? 
_refine.occupancy_max                            ? 
_refine.correlation_coeff_Fo_to_Fc               0.946 
_refine.correlation_coeff_Fo_to_Fc_free          0.929 
_refine.B_iso_mean                               18.9076 
_refine.aniso_B[1][1]                            0.0400 
_refine.aniso_B[2][2]                            0.0400 
_refine.aniso_B[3][3]                            -0.0900 
_refine.aniso_B[1][2]                            0.0000 
_refine.aniso_B[1][3]                            0.0000 
_refine.aniso_B[2][3]                            0.0000 
_refine.solvent_model_details                    MASK 
_refine.solvent_model_param_ksol                 ? 
_refine.solvent_model_param_bsol                 ? 
_refine.pdbx_solvent_vdw_probe_radii             1.40 
_refine.pdbx_solvent_ion_probe_radii             0.80 
_refine.pdbx_solvent_shrinkage_radii             0.80 
_refine.pdbx_ls_cross_valid_method               THROUGHOUT 
_refine.details                                  ? 
_refine.pdbx_starting_model                      ? 
_refine.pdbx_method_to_determine_struct          'MOLECULAR REPLACEMENT' 
_refine.pdbx_isotropic_thermal_model             ? 
_refine.pdbx_stereochemistry_target_values       'MAXIMUM LIKELIHOOD' 
_refine.pdbx_stereochem_target_val_spec_case     ? 
_refine.pdbx_R_Free_selection_details            RANDOM 
_refine.pdbx_overall_ESU_R                       0.0420 
_refine.pdbx_overall_ESU_R_Free                  0.035 
_refine.overall_SU_ML                            0.1090 
_refine.overall_SU_B                             3.7480 
_refine.ls_redundancy_reflns_obs                 ? 
_refine.pdbx_overall_phase_error                 ? 
_refine.overall_SU_R_Cruickshank_DPI             ? 
_refine.overall_SU_R_free                        ? 
_refine.ls_wR_factor_R_free                      ? 
_refine.ls_wR_factor_R_work                      ? 
_refine.overall_FOM_free_R_set                   ? 
_refine.overall_FOM_work_R_set                   ? 
_refine.pdbx_diffrn_id                           1 
_refine.pdbx_refine_id                           'X-RAY DIFFRACTION' 
_refine.pdbx_TLS_residual_ADP_flag               ? 
_refine.pdbx_overall_SU_R_free_Cruickshank_DPI   ? 
_refine.pdbx_overall_SU_R_Blow_DPI               ? 
_refine.pdbx_overall_SU_R_free_Blow_DPI          ? 
# 
_refine_hist.pdbx_refine_id                   'X-RAY DIFFRACTION' 
_refine_hist.cycle_id                         LAST 
_refine_hist.pdbx_number_atoms_protein        0 
_refine_hist.pdbx_number_atoms_nucleic_acid   321 
_refine_hist.pdbx_number_atoms_ligand         1 
_refine_hist.number_atoms_solvent             34 
_refine_hist.number_atoms_total               356 
_refine_hist.d_res_high                       1.76 
_refine_hist.d_res_low                        25.15 
# 
loop_
_refine_ls_restr.pdbx_refine_id 
_refine_ls_restr.type 
_refine_ls_restr.number 
_refine_ls_restr.dev_ideal 
_refine_ls_restr.dev_ideal_target 
_refine_ls_restr.weight 
_refine_ls_restr.pdbx_restraint_function 
'X-RAY DIFFRACTION' r_bond_refined_d     357 0.014 0.021 ? ? 
'X-RAY DIFFRACTION' r_angle_refined_deg  544 2.341 3.000 ? ? 
'X-RAY DIFFRACTION' r_chiral_restr       61  0.110 0.200 ? ? 
'X-RAY DIFFRACTION' r_gen_planes_refined 170 0.008 0.020 ? ? 
'X-RAY DIFFRACTION' r_scbond_it          357 2.293 3.000 ? ? 
'X-RAY DIFFRACTION' r_scangle_it         544 2.651 4.500 ? ? 
# 
_refine_ls_shell.pdbx_refine_id                   'X-RAY DIFFRACTION' 
_refine_ls_shell.pdbx_total_number_of_bins_used   20 
_refine_ls_shell.d_res_high                       1.763 
_refine_ls_shell.d_res_low                        1.809 
_refine_ls_shell.number_reflns_R_work             211 
_refine_ls_shell.R_factor_R_work                  0.216 
_refine_ls_shell.percent_reflns_obs               96.86 
_refine_ls_shell.R_factor_R_free                  0.118 
_refine_ls_shell.R_factor_R_free_error            ? 
_refine_ls_shell.percent_reflns_R_free            ? 
_refine_ls_shell.number_reflns_R_free             5 
_refine_ls_shell.number_reflns_all                ? 
_refine_ls_shell.R_factor_all                     ? 
_refine_ls_shell.number_reflns_obs                ? 
_refine_ls_shell.redundancy_reflns_obs            ? 
# 
_struct.entry_id                  4DY8 
_struct.title                     'Interactions of Mn2+ with a non-self-complementary Z-type DNA duplex' 
_struct.pdbx_model_details        ? 
_struct.pdbx_CASP_flag            N 
_struct.pdbx_model_type_details   ? 
# 
_struct_keywords.entry_id        4DY8 
_struct_keywords.pdbx_keywords   DNA 
_struct_keywords.text            'Z-type DNA double helices, Manganese ions, DNA' 
# 
loop_
_struct_asym.id 
_struct_asym.pdbx_blank_PDB_chainid_flag 
_struct_asym.pdbx_modified 
_struct_asym.entity_id 
_struct_asym.details 
A N N 1 ? 
B N N 2 ? 
C N N 3 ? 
D N N 3 ? 
E N N 4 ? 
F N N 5 ? 
G N N 5 ? 
H N N 5 ? 
I N N 5 ? 
# 
loop_
_struct_ref.id 
_struct_ref.db_name 
_struct_ref.db_code 
_struct_ref.pdbx_db_accession 
_struct_ref.entity_id 
_struct_ref.pdbx_align_begin 
_struct_ref.pdbx_seq_one_letter_code 
_struct_ref.pdbx_db_isoform 
1 PDB 4DY8 4DY8 1 ? ? ? 
2 PDB 4DY8 4DY8 2 ? ? ? 
3 PDB 4DY8 4DY8 3 ? ? ? 
# 
loop_
_struct_ref_seq.align_id 
_struct_ref_seq.ref_id 
_struct_ref_seq.pdbx_PDB_id_code 
_struct_ref_seq.pdbx_strand_id 
_struct_ref_seq.seq_align_beg 
_struct_ref_seq.pdbx_seq_align_beg_ins_code 
_struct_ref_seq.seq_align_end 
_struct_ref_seq.pdbx_seq_align_end_ins_code 
_struct_ref_seq.pdbx_db_accession 
_struct_ref_seq.db_align_beg 
_struct_ref_seq.pdbx_db_align_beg_ins_code 
_struct_ref_seq.db_align_end 
_struct_ref_seq.pdbx_db_align_end_ins_code 
_struct_ref_seq.pdbx_auth_seq_align_beg 
_struct_ref_seq.pdbx_auth_seq_align_end 
1 1 4DY8 A 1 ? 6 ? 4DY8 1  ? 6  ? 1  6  
2 2 4DY8 B 1 ? 6 ? 4DY8 7  ? 12 ? 7  12 
3 3 4DY8 C 1 ? 2 ? 4DY8 13 ? 14 ? 13 14 
4 3 4DY8 D 1 ? 2 ? 4DY8 15 ? 16 ? 15 16 
# 
loop_
_pdbx_struct_assembly.id 
_pdbx_struct_assembly.details 
_pdbx_struct_assembly.method_details 
_pdbx_struct_assembly.oligomeric_details 
_pdbx_struct_assembly.oligomeric_count 
1 author_and_software_defined_assembly PISA dimeric 2 
2 author_and_software_defined_assembly PISA dimeric 2 
# 
loop_
_pdbx_struct_assembly_prop.biol_id 
_pdbx_struct_assembly_prop.type 
_pdbx_struct_assembly_prop.value 
_pdbx_struct_assembly_prop.details 
1 'ABSA (A^2)' 800  ? 
1 MORE         -11  ? 
1 'SSA (A^2)'  2300 ? 
2 'ABSA (A^2)' 230  ? 
2 MORE         -5   ? 
2 'SSA (A^2)'  1070 ? 
# 
loop_
_pdbx_struct_assembly_gen.assembly_id 
_pdbx_struct_assembly_gen.oper_expression 
_pdbx_struct_assembly_gen.asym_id_list 
1 1 A,B,E,F,G 
2 1 C,D,H,I   
# 
_pdbx_struct_oper_list.id                   1 
_pdbx_struct_oper_list.type                 'identity operation' 
_pdbx_struct_oper_list.name                 1_555 
_pdbx_struct_oper_list.symmetry_operation   x,y,z 
_pdbx_struct_oper_list.matrix[1][1]         1.0000000000 
_pdbx_struct_oper_list.matrix[1][2]         0.0000000000 
_pdbx_struct_oper_list.matrix[1][3]         0.0000000000 
_pdbx_struct_oper_list.vector[1]            0.0000000000 
_pdbx_struct_oper_list.matrix[2][1]         0.0000000000 
_pdbx_struct_oper_list.matrix[2][2]         1.0000000000 
_pdbx_struct_oper_list.matrix[2][3]         0.0000000000 
_pdbx_struct_oper_list.vector[2]            0.0000000000 
_pdbx_struct_oper_list.matrix[3][1]         0.0000000000 
_pdbx_struct_oper_list.matrix[3][2]         0.0000000000 
_pdbx_struct_oper_list.matrix[3][3]         1.0000000000 
_pdbx_struct_oper_list.vector[3]            0.0000000000 
# 
_struct_biol.id        1 
_struct_biol.details   ? 
# 
loop_
_struct_conn.id 
_struct_conn.conn_type_id 
_struct_conn.pdbx_leaving_atom_flag 
_struct_conn.pdbx_PDB_id 
_struct_conn.ptnr1_label_asym_id 
_struct_conn.ptnr1_label_comp_id 
_struct_conn.ptnr1_label_seq_id 
_struct_conn.ptnr1_label_atom_id 
_struct_conn.pdbx_ptnr1_label_alt_id 
_struct_conn.pdbx_ptnr1_PDB_ins_code 
_struct_conn.pdbx_ptnr1_standard_comp_id 
_struct_conn.ptnr1_symmetry 
_struct_conn.ptnr2_label_asym_id 
_struct_conn.ptnr2_label_comp_id 
_struct_conn.ptnr2_label_seq_id 
_struct_conn.ptnr2_label_atom_id 
_struct_conn.pdbx_ptnr2_label_alt_id 
_struct_conn.pdbx_ptnr2_PDB_ins_code 
_struct_conn.ptnr1_auth_asym_id 
_struct_conn.ptnr1_auth_comp_id 
_struct_conn.ptnr1_auth_seq_id 
_struct_conn.ptnr2_auth_asym_id 
_struct_conn.ptnr2_auth_comp_id 
_struct_conn.ptnr2_auth_seq_id 
_struct_conn.ptnr2_symmetry 
_struct_conn.pdbx_ptnr3_label_atom_id 
_struct_conn.pdbx_ptnr3_label_seq_id 
_struct_conn.pdbx_ptnr3_label_comp_id 
_struct_conn.pdbx_ptnr3_label_asym_id 
_struct_conn.pdbx_ptnr3_label_alt_id 
_struct_conn.pdbx_ptnr3_PDB_ins_code 
_struct_conn.details 
_struct_conn.pdbx_dist_value 
_struct_conn.pdbx_value_order 
_struct_conn.pdbx_role 
metalc1  metalc ? ? A DG 4 O6 ? ? ? 1_555 E MN . MN A ? A DG 4   A MN 101 1_555 ? ? ? ? ? ? ?               2.740 ? ? 
metalc2  metalc ? ? E MN . MN B ? ? 1_555 D DG 2 O6 ? ? A MN 101 D DG 16  1_555 ? ? ? ? ? ? ?               2.570 ? ? 
hydrog1  hydrog ? ? A DC 1 N3 ? ? ? 1_555 B DG 6 N1 ? ? A DC 1   B DG 12  1_555 ? ? ? ? ? ? WATSON-CRICK    ?     ? ? 
hydrog2  hydrog ? ? A DC 1 N4 ? ? ? 1_555 B DG 6 O6 ? ? A DC 1   B DG 12  1_555 ? ? ? ? ? ? WATSON-CRICK    ?     ? ? 
hydrog3  hydrog ? ? A DC 1 O2 ? ? ? 1_555 B DG 6 N2 ? ? A DC 1   B DG 12  1_555 ? ? ? ? ? ? WATSON-CRICK    ?     ? ? 
hydrog4  hydrog ? ? A DA 2 N1 ? ? ? 1_555 B DT 5 N3 ? ? A DA 2   B DT 11  1_555 ? ? ? ? ? ? WATSON-CRICK    ?     ? ? 
hydrog5  hydrog ? ? A DA 2 N6 ? ? ? 1_555 B DT 5 O4 ? ? A DA 2   B DT 11  1_555 ? ? ? ? ? ? WATSON-CRICK    ?     ? ? 
hydrog6  hydrog ? ? A DC 3 N3 ? ? ? 1_555 B DG 4 N1 ? ? A DC 3   B DG 10  1_555 ? ? ? ? ? ? WATSON-CRICK    ?     ? ? 
hydrog7  hydrog ? ? A DC 3 N4 ? ? ? 1_555 B DG 4 O6 ? ? A DC 3   B DG 10  1_555 ? ? ? ? ? ? WATSON-CRICK    ?     ? ? 
hydrog8  hydrog ? ? A DC 3 O2 ? ? ? 1_555 B DG 4 N2 ? ? A DC 3   B DG 10  1_555 ? ? ? ? ? ? WATSON-CRICK    ?     ? ? 
hydrog9  hydrog ? ? A DG 4 N1 ? ? ? 1_555 B DC 3 N3 ? ? A DG 4   B DC 9   1_555 ? ? ? ? ? ? WATSON-CRICK    ?     ? ? 
hydrog10 hydrog ? ? A DG 4 N2 ? ? ? 1_555 B DC 3 O2 ? ? A DG 4   B DC 9   1_555 ? ? ? ? ? ? WATSON-CRICK    ?     ? ? 
hydrog11 hydrog ? ? A DG 4 O6 ? ? ? 1_555 B DC 3 N4 ? ? A DG 4   B DC 9   1_555 ? ? ? ? ? ? WATSON-CRICK    ?     ? ? 
hydrog12 hydrog ? ? A DC 5 N3 ? ? ? 1_555 B DG 2 N1 ? ? A DC 5   B DG 8   1_555 ? ? ? ? ? ? WATSON-CRICK    ?     ? ? 
hydrog13 hydrog ? ? A DC 5 N4 ? ? ? 1_555 B DG 2 O6 ? ? A DC 5   B DG 8   1_555 ? ? ? ? ? ? WATSON-CRICK    ?     ? ? 
hydrog14 hydrog ? ? A DC 5 O2 ? ? ? 1_555 B DG 2 N2 ? ? A DC 5   B DG 8   1_555 ? ? ? ? ? ? WATSON-CRICK    ?     ? ? 
hydrog15 hydrog ? ? A DG 6 N1 ? ? ? 1_555 B DC 1 N3 ? ? A DG 6   B DC 7   1_555 ? ? ? ? ? ? WATSON-CRICK    ?     ? ? 
hydrog16 hydrog ? ? A DG 6 N2 ? ? ? 1_555 B DC 1 O2 ? ? A DG 6   B DC 7   1_555 ? ? ? ? ? ? WATSON-CRICK    ?     ? ? 
hydrog17 hydrog ? ? A DG 6 O6 ? ? ? 1_555 B DC 1 N4 ? ? A DG 6   B DC 7   1_555 ? ? ? ? ? ? WATSON-CRICK    ?     ? ? 
hydrog18 hydrog ? ? C DT 1 O2 ? ? ? 1_555 D DG 2 N2 ? ? C DT 13  D DG 16  1_555 ? ? ? ? ? ? 'DT-DG MISPAIR' ?     ? ? 
hydrog19 hydrog ? ? C DG 2 N2 ? ? ? 1_555 D DT 1 O2 ? ? C DG 14  D DT 15  1_555 ? ? ? ? ? ? 'DG-DT MISPAIR' ?     ? ? 
# 
loop_
_struct_conn_type.id 
_struct_conn_type.criteria 
_struct_conn_type.reference 
metalc ? ? 
hydrog ? ? 
# 
_struct_site.id                   AC1 
_struct_site.pdbx_evidence_code   Software 
_struct_site.pdbx_auth_asym_id    A 
_struct_site.pdbx_auth_comp_id    MN 
_struct_site.pdbx_auth_seq_id     101 
_struct_site.pdbx_auth_ins_code   ? 
_struct_site.pdbx_num_residues    2 
_struct_site.details              'BINDING SITE FOR RESIDUE MN A 101' 
# 
loop_
_struct_site_gen.id 
_struct_site_gen.site_id 
_struct_site_gen.pdbx_num_res 
_struct_site_gen.label_comp_id 
_struct_site_gen.label_asym_id 
_struct_site_gen.label_seq_id 
_struct_site_gen.pdbx_auth_ins_code 
_struct_site_gen.auth_comp_id 
_struct_site_gen.auth_asym_id 
_struct_site_gen.auth_seq_id 
_struct_site_gen.label_atom_id 
_struct_site_gen.label_alt_id 
_struct_site_gen.symmetry 
_struct_site_gen.details 
1 AC1 2 DG A 4 ? DG A 4  . ? 1_555 ? 
2 AC1 2 DG D 2 ? DG D 16 . ? 1_555 ? 
# 
loop_
_pdbx_validate_rmsd_bond.id 
_pdbx_validate_rmsd_bond.PDB_model_num 
_pdbx_validate_rmsd_bond.auth_atom_id_1 
_pdbx_validate_rmsd_bond.auth_asym_id_1 
_pdbx_validate_rmsd_bond.auth_comp_id_1 
_pdbx_validate_rmsd_bond.auth_seq_id_1 
_pdbx_validate_rmsd_bond.PDB_ins_code_1 
_pdbx_validate_rmsd_bond.label_alt_id_1 
_pdbx_validate_rmsd_bond.auth_atom_id_2 
_pdbx_validate_rmsd_bond.auth_asym_id_2 
_pdbx_validate_rmsd_bond.auth_comp_id_2 
_pdbx_validate_rmsd_bond.auth_seq_id_2 
_pdbx_validate_rmsd_bond.PDB_ins_code_2 
_pdbx_validate_rmsd_bond.label_alt_id_2 
_pdbx_validate_rmsd_bond.bond_value 
_pdbx_validate_rmsd_bond.bond_target_value 
_pdbx_validate_rmsd_bond.bond_deviation 
_pdbx_validate_rmsd_bond.bond_standard_deviation 
_pdbx_validate_rmsd_bond.linker_flag 
1 1 "O3'" A DG 4  ? ? "C3'" A DG 4  ? ? 1.367 1.419 -0.052 0.006 N 
2 1 P     C DT 13 ? ? "O5'" C DT 13 ? ? 1.509 1.593 -0.084 0.010 N 
3 1 "O3'" C DG 14 ? ? "C3'" C DG 14 ? ? 1.324 1.419 -0.095 0.006 N 
# 
loop_
_pdbx_validate_rmsd_angle.id 
_pdbx_validate_rmsd_angle.PDB_model_num 
_pdbx_validate_rmsd_angle.auth_atom_id_1 
_pdbx_validate_rmsd_angle.auth_asym_id_1 
_pdbx_validate_rmsd_angle.auth_comp_id_1 
_pdbx_validate_rmsd_angle.auth_seq_id_1 
_pdbx_validate_rmsd_angle.PDB_ins_code_1 
_pdbx_validate_rmsd_angle.label_alt_id_1 
_pdbx_validate_rmsd_angle.auth_atom_id_2 
_pdbx_validate_rmsd_angle.auth_asym_id_2 
_pdbx_validate_rmsd_angle.auth_comp_id_2 
_pdbx_validate_rmsd_angle.auth_seq_id_2 
_pdbx_validate_rmsd_angle.PDB_ins_code_2 
_pdbx_validate_rmsd_angle.label_alt_id_2 
_pdbx_validate_rmsd_angle.auth_atom_id_3 
_pdbx_validate_rmsd_angle.auth_asym_id_3 
_pdbx_validate_rmsd_angle.auth_comp_id_3 
_pdbx_validate_rmsd_angle.auth_seq_id_3 
_pdbx_validate_rmsd_angle.PDB_ins_code_3 
_pdbx_validate_rmsd_angle.label_alt_id_3 
_pdbx_validate_rmsd_angle.angle_value 
_pdbx_validate_rmsd_angle.angle_target_value 
_pdbx_validate_rmsd_angle.angle_deviation 
_pdbx_validate_rmsd_angle.angle_standard_deviation 
_pdbx_validate_rmsd_angle.linker_flag 
1  1 N1    A DC 3  ? ? C2    A DC 3  ? ? O2    A DC 3  ? ? 122.56 118.90 3.66   0.60 N 
2  1 "O4'" A DG 4  ? ? "C1'" A DG 4  ? ? "C2'" A DG 4  ? ? 110.47 106.80 3.67   0.50 N 
3  1 "O4'" A DG 4  ? ? "C1'" A DG 4  ? ? N9    A DG 4  ? ? 110.59 108.30 2.29   0.30 N 
4  1 "O4'" A DC 5  ? ? "C1'" A DC 5  ? ? N1    A DC 5  ? ? 111.04 108.30 2.74   0.30 N 
5  1 "O4'" B DC 7  ? ? "C1'" B DC 7  ? ? N1    B DC 7  ? ? 111.15 108.30 2.85   0.30 N 
6  1 "O4'" B DG 8  ? ? "C1'" B DG 8  ? ? "C2'" B DG 8  ? ? 109.80 106.80 3.00   0.50 N 
7  1 "O3'" B DG 8  ? ? P     B DC 9  ? ? "O5'" B DC 9  ? ? 91.44  104.00 -12.56 1.90 Y 
8  1 "O3'" B DG 8  ? ? P     B DC 9  ? ? OP1   B DC 9  ? ? 118.12 110.50 7.62   1.10 Y 
9  1 P     B DC 9  ? ? "O5'" B DC 9  ? ? "C5'" B DC 9  ? ? 130.53 120.90 9.63   1.60 N 
10 1 "O4'" B DC 9  ? ? "C1'" B DC 9  ? ? N1    B DC 9  ? ? 110.64 108.30 2.34   0.30 N 
11 1 "O4'" B DG 12 ? ? "C1'" B DG 12 ? ? N9    B DG 12 ? ? 113.19 108.30 4.89   0.30 N 
12 1 C4    C DT 13 ? ? C5    C DT 13 ? ? C7    C DT 13 ? ? 123.08 119.00 4.08   0.60 N 
13 1 "O4'" D DT 15 ? ? "C1'" D DT 15 ? ? N1    D DT 15 ? ? 110.19 108.30 1.89   0.30 N 
14 1 "O4'" D DG 16 ? ? "C1'" D DG 16 ? ? N9    D DG 16 ? ? 111.24 108.30 2.94   0.30 N 
# 
loop_
_chem_comp_atom.comp_id 
_chem_comp_atom.atom_id 
_chem_comp_atom.type_symbol 
_chem_comp_atom.pdbx_aromatic_flag 
_chem_comp_atom.pdbx_stereo_config 
_chem_comp_atom.pdbx_ordinal 
DA  OP3    O  N N 1   
DA  P      P  N N 2   
DA  OP1    O  N N 3   
DA  OP2    O  N N 4   
DA  "O5'"  O  N N 5   
DA  "C5'"  C  N N 6   
DA  "C4'"  C  N R 7   
DA  "O4'"  O  N N 8   
DA  "C3'"  C  N S 9   
DA  "O3'"  O  N N 10  
DA  "C2'"  C  N N 11  
DA  "C1'"  C  N R 12  
DA  N9     N  Y N 13  
DA  C8     C  Y N 14  
DA  N7     N  Y N 15  
DA  C5     C  Y N 16  
DA  C6     C  Y N 17  
DA  N6     N  N N 18  
DA  N1     N  Y N 19  
DA  C2     C  Y N 20  
DA  N3     N  Y N 21  
DA  C4     C  Y N 22  
DA  HOP3   H  N N 23  
DA  HOP2   H  N N 24  
DA  "H5'"  H  N N 25  
DA  "H5''" H  N N 26  
DA  "H4'"  H  N N 27  
DA  "H3'"  H  N N 28  
DA  "HO3'" H  N N 29  
DA  "H2'"  H  N N 30  
DA  "H2''" H  N N 31  
DA  "H1'"  H  N N 32  
DA  H8     H  N N 33  
DA  H61    H  N N 34  
DA  H62    H  N N 35  
DA  H2     H  N N 36  
DC  OP3    O  N N 37  
DC  P      P  N N 38  
DC  OP1    O  N N 39  
DC  OP2    O  N N 40  
DC  "O5'"  O  N N 41  
DC  "C5'"  C  N N 42  
DC  "C4'"  C  N R 43  
DC  "O4'"  O  N N 44  
DC  "C3'"  C  N S 45  
DC  "O3'"  O  N N 46  
DC  "C2'"  C  N N 47  
DC  "C1'"  C  N R 48  
DC  N1     N  N N 49  
DC  C2     C  N N 50  
DC  O2     O  N N 51  
DC  N3     N  N N 52  
DC  C4     C  N N 53  
DC  N4     N  N N 54  
DC  C5     C  N N 55  
DC  C6     C  N N 56  
DC  HOP3   H  N N 57  
DC  HOP2   H  N N 58  
DC  "H5'"  H  N N 59  
DC  "H5''" H  N N 60  
DC  "H4'"  H  N N 61  
DC  "H3'"  H  N N 62  
DC  "HO3'" H  N N 63  
DC  "H2'"  H  N N 64  
DC  "H2''" H  N N 65  
DC  "H1'"  H  N N 66  
DC  H41    H  N N 67  
DC  H42    H  N N 68  
DC  H5     H  N N 69  
DC  H6     H  N N 70  
DG  OP3    O  N N 71  
DG  P      P  N N 72  
DG  OP1    O  N N 73  
DG  OP2    O  N N 74  
DG  "O5'"  O  N N 75  
DG  "C5'"  C  N N 76  
DG  "C4'"  C  N R 77  
DG  "O4'"  O  N N 78  
DG  "C3'"  C  N S 79  
DG  "O3'"  O  N N 80  
DG  "C2'"  C  N N 81  
DG  "C1'"  C  N R 82  
DG  N9     N  Y N 83  
DG  C8     C  Y N 84  
DG  N7     N  Y N 85  
DG  C5     C  Y N 86  
DG  C6     C  N N 87  
DG  O6     O  N N 88  
DG  N1     N  N N 89  
DG  C2     C  N N 90  
DG  N2     N  N N 91  
DG  N3     N  N N 92  
DG  C4     C  Y N 93  
DG  HOP3   H  N N 94  
DG  HOP2   H  N N 95  
DG  "H5'"  H  N N 96  
DG  "H5''" H  N N 97  
DG  "H4'"  H  N N 98  
DG  "H3'"  H  N N 99  
DG  "HO3'" H  N N 100 
DG  "H2'"  H  N N 101 
DG  "H2''" H  N N 102 
DG  "H1'"  H  N N 103 
DG  H8     H  N N 104 
DG  H1     H  N N 105 
DG  H21    H  N N 106 
DG  H22    H  N N 107 
DT  OP3    O  N N 108 
DT  P      P  N N 109 
DT  OP1    O  N N 110 
DT  OP2    O  N N 111 
DT  "O5'"  O  N N 112 
DT  "C5'"  C  N N 113 
DT  "C4'"  C  N R 114 
DT  "O4'"  O  N N 115 
DT  "C3'"  C  N S 116 
DT  "O3'"  O  N N 117 
DT  "C2'"  C  N N 118 
DT  "C1'"  C  N R 119 
DT  N1     N  N N 120 
DT  C2     C  N N 121 
DT  O2     O  N N 122 
DT  N3     N  N N 123 
DT  C4     C  N N 124 
DT  O4     O  N N 125 
DT  C5     C  N N 126 
DT  C7     C  N N 127 
DT  C6     C  N N 128 
DT  HOP3   H  N N 129 
DT  HOP2   H  N N 130 
DT  "H5'"  H  N N 131 
DT  "H5''" H  N N 132 
DT  "H4'"  H  N N 133 
DT  "H3'"  H  N N 134 
DT  "HO3'" H  N N 135 
DT  "H2'"  H  N N 136 
DT  "H2''" H  N N 137 
DT  "H1'"  H  N N 138 
DT  H3     H  N N 139 
DT  H71    H  N N 140 
DT  H72    H  N N 141 
DT  H73    H  N N 142 
DT  H6     H  N N 143 
HOH O      O  N N 144 
HOH H1     H  N N 145 
HOH H2     H  N N 146 
MN  MN     MN N N 147 
# 
loop_
_chem_comp_bond.comp_id 
_chem_comp_bond.atom_id_1 
_chem_comp_bond.atom_id_2 
_chem_comp_bond.value_order 
_chem_comp_bond.pdbx_aromatic_flag 
_chem_comp_bond.pdbx_stereo_config 
_chem_comp_bond.pdbx_ordinal 
DA  OP3   P      sing N N 1   
DA  OP3   HOP3   sing N N 2   
DA  P     OP1    doub N N 3   
DA  P     OP2    sing N N 4   
DA  P     "O5'"  sing N N 5   
DA  OP2   HOP2   sing N N 6   
DA  "O5'" "C5'"  sing N N 7   
DA  "C5'" "C4'"  sing N N 8   
DA  "C5'" "H5'"  sing N N 9   
DA  "C5'" "H5''" sing N N 10  
DA  "C4'" "O4'"  sing N N 11  
DA  "C4'" "C3'"  sing N N 12  
DA  "C4'" "H4'"  sing N N 13  
DA  "O4'" "C1'"  sing N N 14  
DA  "C3'" "O3'"  sing N N 15  
DA  "C3'" "C2'"  sing N N 16  
DA  "C3'" "H3'"  sing N N 17  
DA  "O3'" "HO3'" sing N N 18  
DA  "C2'" "C1'"  sing N N 19  
DA  "C2'" "H2'"  sing N N 20  
DA  "C2'" "H2''" sing N N 21  
DA  "C1'" N9     sing N N 22  
DA  "C1'" "H1'"  sing N N 23  
DA  N9    C8     sing Y N 24  
DA  N9    C4     sing Y N 25  
DA  C8    N7     doub Y N 26  
DA  C8    H8     sing N N 27  
DA  N7    C5     sing Y N 28  
DA  C5    C6     sing Y N 29  
DA  C5    C4     doub Y N 30  
DA  C6    N6     sing N N 31  
DA  C6    N1     doub Y N 32  
DA  N6    H61    sing N N 33  
DA  N6    H62    sing N N 34  
DA  N1    C2     sing Y N 35  
DA  C2    N3     doub Y N 36  
DA  C2    H2     sing N N 37  
DA  N3    C4     sing Y N 38  
DC  OP3   P      sing N N 39  
DC  OP3   HOP3   sing N N 40  
DC  P     OP1    doub N N 41  
DC  P     OP2    sing N N 42  
DC  P     "O5'"  sing N N 43  
DC  OP2   HOP2   sing N N 44  
DC  "O5'" "C5'"  sing N N 45  
DC  "C5'" "C4'"  sing N N 46  
DC  "C5'" "H5'"  sing N N 47  
DC  "C5'" "H5''" sing N N 48  
DC  "C4'" "O4'"  sing N N 49  
DC  "C4'" "C3'"  sing N N 50  
DC  "C4'" "H4'"  sing N N 51  
DC  "O4'" "C1'"  sing N N 52  
DC  "C3'" "O3'"  sing N N 53  
DC  "C3'" "C2'"  sing N N 54  
DC  "C3'" "H3'"  sing N N 55  
DC  "O3'" "HO3'" sing N N 56  
DC  "C2'" "C1'"  sing N N 57  
DC  "C2'" "H2'"  sing N N 58  
DC  "C2'" "H2''" sing N N 59  
DC  "C1'" N1     sing N N 60  
DC  "C1'" "H1'"  sing N N 61  
DC  N1    C2     sing N N 62  
DC  N1    C6     sing N N 63  
DC  C2    O2     doub N N 64  
DC  C2    N3     sing N N 65  
DC  N3    C4     doub N N 66  
DC  C4    N4     sing N N 67  
DC  C4    C5     sing N N 68  
DC  N4    H41    sing N N 69  
DC  N4    H42    sing N N 70  
DC  C5    C6     doub N N 71  
DC  C5    H5     sing N N 72  
DC  C6    H6     sing N N 73  
DG  OP3   P      sing N N 74  
DG  OP3   HOP3   sing N N 75  
DG  P     OP1    doub N N 76  
DG  P     OP2    sing N N 77  
DG  P     "O5'"  sing N N 78  
DG  OP2   HOP2   sing N N 79  
DG  "O5'" "C5'"  sing N N 80  
DG  "C5'" "C4'"  sing N N 81  
DG  "C5'" "H5'"  sing N N 82  
DG  "C5'" "H5''" sing N N 83  
DG  "C4'" "O4'"  sing N N 84  
DG  "C4'" "C3'"  sing N N 85  
DG  "C4'" "H4'"  sing N N 86  
DG  "O4'" "C1'"  sing N N 87  
DG  "C3'" "O3'"  sing N N 88  
DG  "C3'" "C2'"  sing N N 89  
DG  "C3'" "H3'"  sing N N 90  
DG  "O3'" "HO3'" sing N N 91  
DG  "C2'" "C1'"  sing N N 92  
DG  "C2'" "H2'"  sing N N 93  
DG  "C2'" "H2''" sing N N 94  
DG  "C1'" N9     sing N N 95  
DG  "C1'" "H1'"  sing N N 96  
DG  N9    C8     sing Y N 97  
DG  N9    C4     sing Y N 98  
DG  C8    N7     doub Y N 99  
DG  C8    H8     sing N N 100 
DG  N7    C5     sing Y N 101 
DG  C5    C6     sing N N 102 
DG  C5    C4     doub Y N 103 
DG  C6    O6     doub N N 104 
DG  C6    N1     sing N N 105 
DG  N1    C2     sing N N 106 
DG  N1    H1     sing N N 107 
DG  C2    N2     sing N N 108 
DG  C2    N3     doub N N 109 
DG  N2    H21    sing N N 110 
DG  N2    H22    sing N N 111 
DG  N3    C4     sing N N 112 
DT  OP3   P      sing N N 113 
DT  OP3   HOP3   sing N N 114 
DT  P     OP1    doub N N 115 
DT  P     OP2    sing N N 116 
DT  P     "O5'"  sing N N 117 
DT  OP2   HOP2   sing N N 118 
DT  "O5'" "C5'"  sing N N 119 
DT  "C5'" "C4'"  sing N N 120 
DT  "C5'" "H5'"  sing N N 121 
DT  "C5'" "H5''" sing N N 122 
DT  "C4'" "O4'"  sing N N 123 
DT  "C4'" "C3'"  sing N N 124 
DT  "C4'" "H4'"  sing N N 125 
DT  "O4'" "C1'"  sing N N 126 
DT  "C3'" "O3'"  sing N N 127 
DT  "C3'" "C2'"  sing N N 128 
DT  "C3'" "H3'"  sing N N 129 
DT  "O3'" "HO3'" sing N N 130 
DT  "C2'" "C1'"  sing N N 131 
DT  "C2'" "H2'"  sing N N 132 
DT  "C2'" "H2''" sing N N 133 
DT  "C1'" N1     sing N N 134 
DT  "C1'" "H1'"  sing N N 135 
DT  N1    C2     sing N N 136 
DT  N1    C6     sing N N 137 
DT  C2    O2     doub N N 138 
DT  C2    N3     sing N N 139 
DT  N3    C4     sing N N 140 
DT  N3    H3     sing N N 141 
DT  C4    O4     doub N N 142 
DT  C4    C5     sing N N 143 
DT  C5    C7     sing N N 144 
DT  C5    C6     doub N N 145 
DT  C7    H71    sing N N 146 
DT  C7    H72    sing N N 147 
DT  C7    H73    sing N N 148 
DT  C6    H6     sing N N 149 
HOH O     H1     sing N N 150 
HOH O     H2     sing N N 151 
# 
_ndb_struct_conf_na.entry_id   4DY8 
_ndb_struct_conf_na.feature    'z-form double helix' 
# 
loop_
_ndb_struct_na_base_pair.model_number 
_ndb_struct_na_base_pair.i_label_asym_id 
_ndb_struct_na_base_pair.i_label_comp_id 
_ndb_struct_na_base_pair.i_label_seq_id 
_ndb_struct_na_base_pair.i_symmetry 
_ndb_struct_na_base_pair.j_label_asym_id 
_ndb_struct_na_base_pair.j_label_comp_id 
_ndb_struct_na_base_pair.j_label_seq_id 
_ndb_struct_na_base_pair.j_symmetry 
_ndb_struct_na_base_pair.shear 
_ndb_struct_na_base_pair.stretch 
_ndb_struct_na_base_pair.stagger 
_ndb_struct_na_base_pair.buckle 
_ndb_struct_na_base_pair.propeller 
_ndb_struct_na_base_pair.opening 
_ndb_struct_na_base_pair.pair_number 
_ndb_struct_na_base_pair.pair_name 
_ndb_struct_na_base_pair.i_auth_asym_id 
_ndb_struct_na_base_pair.i_auth_seq_id 
_ndb_struct_na_base_pair.i_PDB_ins_code 
_ndb_struct_na_base_pair.j_auth_asym_id 
_ndb_struct_na_base_pair.j_auth_seq_id 
_ndb_struct_na_base_pair.j_PDB_ins_code 
_ndb_struct_na_base_pair.hbond_type_28 
_ndb_struct_na_base_pair.hbond_type_12 
1 A DC 1 1_555 B DG 6 1_555 -0.216 -0.107 -0.277 4.072  4.866  0.722  1 A_DC1:DG12_B  A 1  ? B 12 ? 19 1 
1 A DA 2 1_555 B DT 5 1_555 0.657  -0.183 0.613  -1.252 5.739  0.962  2 A_DA2:DT11_B  A 2  ? B 11 ? 20 1 
1 A DC 3 1_555 B DG 4 1_555 -0.447 -0.185 0.113  3.305  3.132  1.898  3 A_DC3:DG10_B  A 3  ? B 10 ? 19 1 
1 A DG 4 1_555 B DC 3 1_555 0.898  -0.206 0.578  2.170  2.610  -3.315 4 A_DG4:DC9_B   A 4  ? B 9  ? 19 1 
1 A DC 5 1_555 B DG 2 1_555 -0.590 -0.049 0.151  1.478  2.843  0.182  5 A_DC5:DG8_B   A 5  ? B 8  ? 19 1 
1 A DG 6 1_555 B DC 1 1_555 0.616  -0.265 0.652  6.055  8.244  1.188  6 A_DG6:DC7_B   A 6  ? B 7  ? 19 1 
1 C DT 1 1_555 D DG 2 1_555 0.045  -0.136 -0.124 10.449 -4.218 2.955  7 C_DT13:DG16_D C 13 ? D 16 ? ?  ? 
1 C DG 2 1_555 D DT 1 1_555 0.164  -0.202 0.110  -5.438 4.480  1.384  8 C_DG14:DT15_D C 14 ? D 15 ? ?  ? 
# 
loop_
_ndb_struct_na_base_pair_step.model_number 
_ndb_struct_na_base_pair_step.i_label_asym_id_1 
_ndb_struct_na_base_pair_step.i_label_comp_id_1 
_ndb_struct_na_base_pair_step.i_label_seq_id_1 
_ndb_struct_na_base_pair_step.i_symmetry_1 
_ndb_struct_na_base_pair_step.j_label_asym_id_1 
_ndb_struct_na_base_pair_step.j_label_comp_id_1 
_ndb_struct_na_base_pair_step.j_label_seq_id_1 
_ndb_struct_na_base_pair_step.j_symmetry_1 
_ndb_struct_na_base_pair_step.i_label_asym_id_2 
_ndb_struct_na_base_pair_step.i_label_comp_id_2 
_ndb_struct_na_base_pair_step.i_label_seq_id_2 
_ndb_struct_na_base_pair_step.i_symmetry_2 
_ndb_struct_na_base_pair_step.j_label_asym_id_2 
_ndb_struct_na_base_pair_step.j_label_comp_id_2 
_ndb_struct_na_base_pair_step.j_label_seq_id_2 
_ndb_struct_na_base_pair_step.j_symmetry_2 
_ndb_struct_na_base_pair_step.shift 
_ndb_struct_na_base_pair_step.slide 
_ndb_struct_na_base_pair_step.rise 
_ndb_struct_na_base_pair_step.tilt 
_ndb_struct_na_base_pair_step.roll 
_ndb_struct_na_base_pair_step.twist 
_ndb_struct_na_base_pair_step.x_displacement 
_ndb_struct_na_base_pair_step.y_displacement 
_ndb_struct_na_base_pair_step.helical_rise 
_ndb_struct_na_base_pair_step.inclination 
_ndb_struct_na_base_pair_step.tip 
_ndb_struct_na_base_pair_step.helical_twist 
_ndb_struct_na_base_pair_step.step_number 
_ndb_struct_na_base_pair_step.step_name 
_ndb_struct_na_base_pair_step.i_auth_asym_id_1 
_ndb_struct_na_base_pair_step.i_auth_seq_id_1 
_ndb_struct_na_base_pair_step.i_PDB_ins_code_1 
_ndb_struct_na_base_pair_step.j_auth_asym_id_1 
_ndb_struct_na_base_pair_step.j_auth_seq_id_1 
_ndb_struct_na_base_pair_step.j_PDB_ins_code_1 
_ndb_struct_na_base_pair_step.i_auth_asym_id_2 
_ndb_struct_na_base_pair_step.i_auth_seq_id_2 
_ndb_struct_na_base_pair_step.i_PDB_ins_code_2 
_ndb_struct_na_base_pair_step.j_auth_asym_id_2 
_ndb_struct_na_base_pair_step.j_auth_seq_id_2 
_ndb_struct_na_base_pair_step.j_PDB_ins_code_2 
1 A DC 1 1_555 B DG 6 1_555 A DA 2 1_555 B DT 5 1_555 -0.408 5.376  3.570 -5.533 -4.364 -8.021  -18.582 -15.280 4.668  25.612  
-32.475 -10.673 1 AA_DC1DA2:DT11DG12_BB   A 1  ? B 12 ? A 2  ? B 11 ? 
1 A DA 2 1_555 B DT 5 1_555 A DC 3 1_555 B DG 4 1_555 0.208  -0.818 3.398 3.464  -0.957 -54.043 0.960   0.449   3.365  1.052   
3.807   -54.153 2 AA_DA2DC3:DG10DT11_BB   A 2  ? B 11 ? A 3  ? B 10 ? 
1 A DC 3 1_555 B DG 4 1_555 A DG 4 1_555 B DC 3 1_555 -0.440 5.214  3.622 -1.616 -0.403 -2.138  -97.958 -58.568 3.371  9.170   
-36.789 -2.710  3 AA_DC3DG4:DC9DG10_BB    A 3  ? B 10 ? A 4  ? B 9  ? 
1 A DG 4 1_555 B DC 3 1_555 A DC 5 1_555 B DG 2 1_555 -0.200 -0.729 3.305 3.982  -8.597 -55.637 1.256   0.012   3.176  9.137   
4.232   -56.374 4 AA_DG4DC5:DG8DC9_BB     A 4  ? B 9  ? A 5  ? B 8  ? 
1 A DC 5 1_555 B DG 2 1_555 A DG 6 1_555 B DC 1 1_555 -0.158 5.384  3.508 -1.458 4.251  -6.435  -46.819 -3.722  -0.065 -33.066 
-11.339 -7.848  5 AA_DC5DG6:DC7DG8_BB     A 5  ? B 8  ? A 6  ? B 7  ? 
1 C DT 1 1_555 D DG 2 1_555 C DG 2 1_555 D DT 1 1_555 -0.101 5.379  3.755 1.244  -5.247 -8.889  -15.165 2.887   5.935  30.446  
7.215   -10.394 6 CC_DT13DG14:DT15DG16_DD C 13 ? D 16 ? C 14 ? D 15 ? 
# 
loop_
_pdbx_reflns_twin.domain_id 
_pdbx_reflns_twin.crystal_id 
_pdbx_reflns_twin.diffrn_id 
_pdbx_reflns_twin.type 
_pdbx_reflns_twin.operator 
_pdbx_reflns_twin.fraction 
1 1 1 ? 'H, K, L'     0.947 
2 1 1 ? '-H-K, K, -L' 0.053 
# 
_atom_sites.entry_id                    4DY8 
_atom_sites.fract_transf_matrix[1][1]   -0.03207302 
_atom_sites.fract_transf_matrix[1][2]   -0.00573279 
_atom_sites.fract_transf_matrix[1][3]   -0.00371327 
_atom_sites.fract_transf_matrix[2][1]   -0.02124417 
_atom_sites.fract_transf_matrix[2][2]   0.01033804 
_atom_sites.fract_transf_matrix[2][3]   0.02274040 
_atom_sites.fract_transf_matrix[3][1]   -0.00222187 
_atom_sites.fract_transf_matrix[3][2]   0.01952423 
_atom_sites.fract_transf_matrix[3][3]   -0.01095161 
_atom_sites.fract_transf_vector[1]      -0.018060 
_atom_sites.fract_transf_vector[2]      0.361774 
_atom_sites.fract_transf_vector[3]      0.001294 
# 
loop_
_atom_type.symbol 
C  
MN 
N  
O  
P  
# 
loop_
_atom_site.group_PDB 
_atom_site.id 
_atom_site.type_symbol 
_atom_site.label_atom_id 
_atom_site.label_alt_id 
_atom_site.label_comp_id 
_atom_site.label_asym_id 
_atom_site.label_entity_id 
_atom_site.label_seq_id 
_atom_site.pdbx_PDB_ins_code 
_atom_site.Cartn_x 
_atom_site.Cartn_y 
_atom_site.Cartn_z 
_atom_site.occupancy 
_atom_site.B_iso_or_equiv 
_atom_site.pdbx_formal_charge 
_atom_site.auth_seq_id 
_atom_site.auth_comp_id 
_atom_site.auth_asym_id 
_atom_site.auth_atom_id 
_atom_site.pdbx_PDB_model_num 
ATOM   1   O  "O5'" . DC  A 1 1 ? 2.047  9.029   -5.674  1.00 9.54  ? 1   DC  A "O5'" 1 
ATOM   2   C  "C5'" . DC  A 1 1 ? 1.209  7.907   -5.863  1.00 15.13 ? 1   DC  A "C5'" 1 
ATOM   3   C  "C4'" . DC  A 1 1 ? -0.013 7.981   -4.972  1.00 17.93 ? 1   DC  A "C4'" 1 
ATOM   4   O  "O4'" . DC  A 1 1 ? 0.353  8.262   -3.582  1.00 18.86 ? 1   DC  A "O4'" 1 
ATOM   5   C  "C3'" . DC  A 1 1 ? -1.004 9.054   -5.378  1.00 17.89 ? 1   DC  A "C3'" 1 
ATOM   6   O  "O3'" . DC  A 1 1 ? -2.304 8.639   -5.148  1.00 20.10 ? 1   DC  A "O3'" 1 
ATOM   7   C  "C2'" . DC  A 1 1 ? -0.668 10.163  -4.384  1.00 16.49 ? 1   DC  A "C2'" 1 
ATOM   8   C  "C1'" . DC  A 1 1 ? -0.445 9.348   -3.126  1.00 18.27 ? 1   DC  A "C1'" 1 
ATOM   9   N  N1    . DC  A 1 1 ? 0.292  10.115  -2.079  1.00 17.31 ? 1   DC  A N1    1 
ATOM   10  C  C2    . DC  A 1 1 ? -0.375 10.902  -1.141  1.00 17.07 ? 1   DC  A C2    1 
ATOM   11  O  O2    . DC  A 1 1 ? -1.614 10.979  -1.170  1.00 16.10 ? 1   DC  A O2    1 
ATOM   12  N  N3    . DC  A 1 1 ? 0.384  11.581  -0.228  1.00 17.19 ? 1   DC  A N3    1 
ATOM   13  C  C4    . DC  A 1 1 ? 1.726  11.483  -0.228  1.00 17.67 ? 1   DC  A C4    1 
ATOM   14  N  N4    . DC  A 1 1 ? 2.432  12.140  0.695   1.00 16.32 ? 1   DC  A N4    1 
ATOM   15  C  C5    . DC  A 1 1 ? 2.399  10.661  -1.167  1.00 16.37 ? 1   DC  A C5    1 
ATOM   16  C  C6    . DC  A 1 1 ? 1.648  10.019  -2.061  1.00 16.95 ? 1   DC  A C6    1 
ATOM   17  P  P     . DA  A 1 2 ? -3.188 8.015   -6.311  1.00 16.57 ? 2   DA  A P     1 
ATOM   18  O  OP1   . DA  A 1 2 ? -2.945 8.640   -7.637  1.00 14.57 ? 2   DA  A OP1   1 
ATOM   19  O  OP2   . DA  A 1 2 ? -4.571 7.932   -5.747  1.00 19.06 ? 2   DA  A OP2   1 
ATOM   20  O  "O5'" . DA  A 1 2 ? -2.621 6.543   -6.370  1.00 16.15 ? 2   DA  A "O5'" 1 
ATOM   21  C  "C5'" . DA  A 1 2 ? -2.737 5.693   -5.273  1.00 19.19 ? 2   DA  A "C5'" 1 
ATOM   22  C  "C4'" . DA  A 1 2 ? -1.931 4.471   -5.565  1.00 19.27 ? 2   DA  A "C4'" 1 
ATOM   23  O  "O4'" . DA  A 1 2 ? -0.547 4.799   -5.623  1.00 20.89 ? 2   DA  A "O4'" 1 
ATOM   24  C  "C3'" . DA  A 1 2 ? -2.071 3.476   -4.441  1.00 21.86 ? 2   DA  A "C3'" 1 
ATOM   25  O  "O3'" . DA  A 1 2 ? -3.110 2.657   -4.894  1.00 24.35 ? 2   DA  A "O3'" 1 
ATOM   26  C  "C2'" . DA  A 1 2 ? -0.721 2.767   -4.394  1.00 22.30 ? 2   DA  A "C2'" 1 
ATOM   27  C  "C1'" . DA  A 1 2 ? 0.219  3.748   -5.093  1.00 22.31 ? 2   DA  A "C1'" 1 
ATOM   28  N  N9    . DA  A 1 2 ? 1.211  4.359   -4.227  1.00 22.54 ? 2   DA  A N9    1 
ATOM   29  C  C8    . DA  A 1 2 ? 2.564  4.332   -4.379  1.00 20.34 ? 2   DA  A C8    1 
ATOM   30  N  N7    . DA  A 1 2 ? 3.194  4.966   -3.429  1.00 22.42 ? 2   DA  A N7    1 
ATOM   31  C  C5    . DA  A 1 2 ? 2.199  5.439   -2.591  1.00 23.67 ? 2   DA  A C5    1 
ATOM   32  C  C6    . DA  A 1 2 ? 2.184  6.196   -1.383  1.00 24.01 ? 2   DA  A C6    1 
ATOM   33  N  N6    . DA  A 1 2 ? 3.263  6.661   -0.729  1.00 23.03 ? 2   DA  A N6    1 
ATOM   34  N  N1    . DA  A 1 2 ? 0.975  6.476   -0.845  1.00 22.95 ? 2   DA  A N1    1 
ATOM   35  C  C2    . DA  A 1 2 ? -0.142 6.052   -1.435  1.00 22.13 ? 2   DA  A C2    1 
ATOM   36  N  N3    . DA  A 1 2 ? -0.252 5.340   -2.547  1.00 22.31 ? 2   DA  A N3    1 
ATOM   37  C  C4    . DA  A 1 2 ? 0.956  5.070   -3.078  1.00 22.89 ? 2   DA  A C4    1 
ATOM   38  P  P     . DC  A 1 3 ? -4.461 2.510   -4.089  1.00 25.80 ? 3   DC  A P     1 
ATOM   39  O  OP1   . DC  A 1 3 ? -5.309 1.499   -4.781  1.00 23.90 ? 3   DC  A OP1   1 
ATOM   40  O  OP2   . DC  A 1 3 ? -4.962 3.879   -3.777  1.00 19.12 ? 3   DC  A OP2   1 
ATOM   41  O  "O5'" . DC  A 1 3 ? -3.893 1.743   -2.781  1.00 22.49 ? 3   DC  A "O5'" 1 
ATOM   42  C  "C5'" . DC  A 1 3 ? -4.696 0.914   -1.935  1.00 20.77 ? 3   DC  A "C5'" 1 
ATOM   43  C  "C4'" . DC  A 1 3 ? -4.690 1.408   -0.496  1.00 19.54 ? 3   DC  A "C4'" 1 
ATOM   44  O  "O4'" . DC  A 1 3 ? -3.350 1.329   0.062   1.00 16.49 ? 3   DC  A "O4'" 1 
ATOM   45  C  "C3'" . DC  A 1 3 ? -5.128 2.867   -0.370  1.00 18.17 ? 3   DC  A "C3'" 1 
ATOM   46  O  "O3'" . DC  A 1 3 ? -5.769 3.134   0.872   1.00 18.42 ? 3   DC  A "O3'" 1 
ATOM   47  C  "C2'" . DC  A 1 3 ? -3.773 3.558   -0.451  1.00 15.73 ? 3   DC  A "C2'" 1 
ATOM   48  C  "C1'" . DC  A 1 3 ? -2.971 2.631   0.471   1.00 13.64 ? 3   DC  A "C1'" 1 
ATOM   49  N  N1    . DC  A 1 3 ? -1.466 2.765   0.359   1.00 15.26 ? 3   DC  A N1    1 
ATOM   50  C  C2    . DC  A 1 3 ? -0.707 3.594   1.238   1.00 11.64 ? 3   DC  A C2    1 
ATOM   51  O  O2    . DC  A 1 3 ? -1.230 4.259   2.146   1.00 14.86 ? 3   DC  A O2    1 
ATOM   52  N  N3    . DC  A 1 3 ? 0.634  3.648   1.037   1.00 15.52 ? 3   DC  A N3    1 
ATOM   53  C  C4    . DC  A 1 3 ? 1.212  2.942   0.058   1.00 12.96 ? 3   DC  A C4    1 
ATOM   54  N  N4    . DC  A 1 3 ? 2.534  3.055   -0.060  1.00 10.47 ? 3   DC  A N4    1 
ATOM   55  C  C5    . DC  A 1 3 ? 0.472  2.104   -0.843  1.00 15.10 ? 3   DC  A C5    1 
ATOM   56  C  C6    . DC  A 1 3 ? -0.856 2.062   -0.650  1.00 14.34 ? 3   DC  A C6    1 
ATOM   57  P  P     . DG  A 1 4 ? -7.348 3.053   1.004   1.00 17.30 ? 4   DG  A P     1 
ATOM   58  O  OP1   . DG  A 1 4 ? -7.826 3.901   -0.117  1.00 15.96 ? 4   DG  A OP1   1 
ATOM   59  O  OP2   . DG  A 1 4 ? -7.769 3.445   2.350   1.00 18.65 ? 4   DG  A OP2   1 
ATOM   60  O  "O5'" . DG  A 1 4 ? -7.687 1.535   0.649   1.00 17.82 ? 4   DG  A "O5'" 1 
ATOM   61  C  "C5'" . DG  A 1 4 ? -7.476 0.499   1.610   1.00 19.29 ? 4   DG  A "C5'" 1 
ATOM   62  C  "C4'" . DG  A 1 4 ? -7.758 -0.911  1.140   1.00 20.51 ? 4   DG  A "C4'" 1 
ATOM   63  O  "O4'" . DG  A 1 4 ? -7.019 -1.319  -0.025  1.00 20.37 ? 4   DG  A "O4'" 1 
ATOM   64  C  "C3'" . DG  A 1 4 ? -7.302 -1.867  2.218   1.00 22.45 ? 4   DG  A "C3'" 1 
ATOM   65  O  "O3'" . DG  A 1 4 ? -8.383 -2.050  3.036   1.00 26.96 ? 4   DG  A "O3'" 1 
ATOM   66  C  "C2'" . DG  A 1 4 ? -6.902 -3.160  1.533   1.00 21.20 ? 4   DG  A "C2'" 1 
ATOM   67  C  "C1'" . DG  A 1 4 ? -6.430 -2.591  0.207   1.00 20.56 ? 4   DG  A "C1'" 1 
ATOM   68  N  N9    . DG  A 1 4 ? -4.977 -2.518  0.067   1.00 20.00 ? 4   DG  A N9    1 
ATOM   69  C  C8    . DG  A 1 4 ? -4.311 -3.172  -0.930  1.00 20.20 ? 4   DG  A C8    1 
ATOM   70  N  N7    . DG  A 1 4 ? -3.032 -3.013  -0.935  1.00 21.52 ? 4   DG  A N7    1 
ATOM   71  C  C5    . DG  A 1 4 ? -2.814 -2.193  0.145   1.00 20.53 ? 4   DG  A C5    1 
ATOM   72  C  C6    . DG  A 1 4 ? -1.582 -1.683  0.605   1.00 19.05 ? 4   DG  A C6    1 
ATOM   73  O  O6    . DG  A 1 4 ? -0.460 -1.895  0.135   1.00 19.14 ? 4   DG  A O6    1 
ATOM   74  N  N1    . DG  A 1 4 ? -1.746 -0.852  1.706   1.00 17.02 ? 4   DG  A N1    1 
ATOM   75  C  C2    . DG  A 1 4 ? -2.945 -0.600  2.307   1.00 15.41 ? 4   DG  A C2    1 
ATOM   76  N  N2    . DG  A 1 4 ? -2.853 0.202   3.357   1.00 15.15 ? 4   DG  A N2    1 
ATOM   77  N  N3    . DG  A 1 4 ? -4.131 -1.053  1.877   1.00 16.63 ? 4   DG  A N3    1 
ATOM   78  C  C4    . DG  A 1 4 ? -3.997 -1.863  0.788   1.00 18.98 ? 4   DG  A C4    1 
ATOM   79  P  P     . DC  A 1 5 ? -8.237 -1.686  4.574   1.00 30.14 ? 5   DC  A P     1 
ATOM   80  O  OP1   . DC  A 1 5 ? -9.525 -2.081  5.162   1.00 30.37 ? 5   DC  A OP1   1 
ATOM   81  O  OP2   . DC  A 1 5 ? -7.748 -0.304  4.793   1.00 29.67 ? 5   DC  A OP2   1 
ATOM   82  O  "O5'" . DC  A 1 5 ? -7.167 -2.758  5.089   1.00 26.21 ? 5   DC  A "O5'" 1 
ATOM   83  C  "C5'" . DC  A 1 5 ? -7.341 -3.336  6.375   1.00 21.76 ? 5   DC  A "C5'" 1 
ATOM   84  C  "C4'" . DC  A 1 5 ? -6.113 -3.063  7.220   1.00 18.60 ? 5   DC  A "C4'" 1 
ATOM   85  O  "O4'" . DC  A 1 5 ? -5.011 -3.848  6.686   1.00 18.31 ? 5   DC  A "O4'" 1 
ATOM   86  C  "C3'" . DC  A 1 5 ? -5.615 -1.622  7.281   1.00 17.27 ? 5   DC  A "C3'" 1 
ATOM   87  O  "O3'" . DC  A 1 5 ? -4.939 -1.382  8.509   1.00 18.37 ? 5   DC  A "O3'" 1 
ATOM   88  C  "C2'" . DC  A 1 5 ? -4.628 -1.569  6.120   1.00 18.80 ? 5   DC  A "C2'" 1 
ATOM   89  C  "C1'" . DC  A 1 5 ? -4.029 -2.959  6.179   1.00 17.84 ? 5   DC  A "C1'" 1 
ATOM   90  N  N1    . DC  A 1 5 ? -3.443 -3.477  4.896   1.00 18.88 ? 5   DC  A N1    1 
ATOM   91  C  C2    . DC  A 1 5 ? -2.079 -3.240  4.662   1.00 16.20 ? 5   DC  A C2    1 
ATOM   92  O  O2    . DC  A 1 5 ? -1.455 -2.590  5.492   1.00 12.47 ? 5   DC  A O2    1 
ATOM   93  N  N3    . DC  A 1 5 ? -1.492 -3.703  3.539   1.00 17.98 ? 5   DC  A N3    1 
ATOM   94  C  C4    . DC  A 1 5 ? -2.220 -4.397  2.653   1.00 16.14 ? 5   DC  A C4    1 
ATOM   95  N  N4    . DC  A 1 5 ? -1.598 -4.838  1.564   1.00 17.12 ? 5   DC  A N4    1 
ATOM   96  C  C5    . DC  A 1 5 ? -3.606 -4.658  2.867   1.00 18.06 ? 5   DC  A C5    1 
ATOM   97  C  C6    . DC  A 1 5 ? -4.175 -4.191  3.996   1.00 18.56 ? 5   DC  A C6    1 
ATOM   98  P  P     . DG  A 1 6 ? -5.721 -0.628  9.644   1.00 20.76 ? 6   DG  A P     1 
ATOM   99  O  OP1   . DG  A 1 6 ? -6.476 0.503   9.115   1.00 21.57 ? 6   DG  A OP1   1 
ATOM   100 O  OP2   . DG  A 1 6 ? -4.794 -0.284  10.744  1.00 20.70 ? 6   DG  A OP2   1 
ATOM   101 O  "O5'" . DG  A 1 6 ? -6.711 -1.737  10.206  1.00 21.41 ? 6   DG  A "O5'" 1 
ATOM   102 C  "C5'" . DG  A 1 6 ? -6.269 -2.675  11.179  1.00 23.72 ? 6   DG  A "C5'" 1 
ATOM   103 C  "C4'" . DG  A 1 6 ? -7.323 -3.745  11.383  1.00 25.35 ? 6   DG  A "C4'" 1 
ATOM   104 O  "O4'" . DG  A 1 6 ? -7.561 -4.329  10.088  1.00 25.99 ? 6   DG  A "O4'" 1 
ATOM   105 C  "C3'" . DG  A 1 6 ? -6.857 -4.898  12.275  1.00 25.48 ? 6   DG  A "C3'" 1 
ATOM   106 O  "O3'" . DG  A 1 6 ? -7.376 -4.831  13.607  1.00 27.28 ? 6   DG  A "O3'" 1 
ATOM   107 C  "C2'" . DG  A 1 6 ? -7.271 -6.193  11.560  1.00 24.59 ? 6   DG  A "C2'" 1 
ATOM   108 C  "C1'" . DG  A 1 6 ? -7.864 -5.714  10.244  1.00 23.62 ? 6   DG  A "C1'" 1 
ATOM   109 N  N9    . DG  A 1 6 ? -7.333 -6.392  9.079   1.00 23.43 ? 6   DG  A N9    1 
ATOM   110 C  C8    . DG  A 1 6 ? -8.039 -7.228  8.260   1.00 21.96 ? 6   DG  A C8    1 
ATOM   111 N  N7    . DG  A 1 6 ? -7.335 -7.683  7.265   1.00 21.34 ? 6   DG  A N7    1 
ATOM   112 C  C5    . DG  A 1 6 ? -6.072 -7.125  7.437   1.00 23.24 ? 6   DG  A C5    1 
ATOM   113 C  C6    . DG  A 1 6 ? -4.879 -7.244  6.663   1.00 22.82 ? 6   DG  A C6    1 
ATOM   114 O  O6    . DG  A 1 6 ? -4.667 -7.913  5.643   1.00 26.07 ? 6   DG  A O6    1 
ATOM   115 N  N1    . DG  A 1 6 ? -3.835 -6.499  7.181   1.00 23.51 ? 6   DG  A N1    1 
ATOM   116 C  C2    . DG  A 1 6 ? -3.917 -5.720  8.314   1.00 22.63 ? 6   DG  A C2    1 
ATOM   117 N  N2    . DG  A 1 6 ? -2.824 -5.046  8.668   1.00 24.66 ? 6   DG  A N2    1 
ATOM   118 N  N3    . DG  A 1 6 ? -5.014 -5.579  9.034   1.00 23.20 ? 6   DG  A N3    1 
ATOM   119 C  C4    . DG  A 1 6 ? -6.057 -6.317  8.550   1.00 22.55 ? 6   DG  A C4    1 
ATOM   120 O  "O5'" . DC  B 2 1 ? 4.451  -7.147  4.248   1.00 17.04 ? 7   DC  B "O5'" 1 
ATOM   121 C  "C5'" . DC  B 2 1 ? 4.825  -5.780  4.196   1.00 16.21 ? 7   DC  B "C5'" 1 
ATOM   122 C  "C4'" . DC  B 2 1 ? 4.132  -5.123  5.352   1.00 18.17 ? 7   DC  B "C4'" 1 
ATOM   123 O  "O4'" . DC  B 2 1 ? 2.746  -4.980  4.979   1.00 19.10 ? 7   DC  B "O4'" 1 
ATOM   124 C  "C3'" . DC  B 2 1 ? 4.131  -5.908  6.676   1.00 18.48 ? 7   DC  B "C3'" 1 
ATOM   125 O  "O3'" . DC  B 2 1 ? 4.168  -4.927  7.690   1.00 19.14 ? 7   DC  B "O3'" 1 
ATOM   126 C  "C2'" . DC  B 2 1 ? 2.791  -6.671  6.675   1.00 18.94 ? 7   DC  B "C2'" 1 
ATOM   127 C  "C1'" . DC  B 2 1 ? 1.915  -5.661  5.912   1.00 18.14 ? 7   DC  B "C1'" 1 
ATOM   128 N  N1    . DC  B 2 1 ? 0.687  -6.226  5.238   1.00 18.46 ? 7   DC  B N1    1 
ATOM   129 C  C2    . DC  B 2 1 ? -0.564 -6.075  5.842   1.00 15.64 ? 7   DC  B C2    1 
ATOM   130 O  O2    . DC  B 2 1 ? -0.676 -5.493  6.923   1.00 18.83 ? 7   DC  B O2    1 
ATOM   131 N  N3    . DC  B 2 1 ? -1.650 -6.587  5.226   1.00 18.12 ? 7   DC  B N3    1 
ATOM   132 C  C4    . DC  B 2 1 ? -1.544 -7.240  4.075   1.00 13.77 ? 7   DC  B C4    1 
ATOM   133 N  N4    . DC  B 2 1 ? -2.661 -7.712  3.537   1.00 15.68 ? 7   DC  B N4    1 
ATOM   134 C  C5    . DC  B 2 1 ? -0.285 -7.385  3.437   1.00 16.42 ? 7   DC  B C5    1 
ATOM   135 C  C6    . DC  B 2 1 ? 0.790  -6.862  4.033   1.00 15.74 ? 7   DC  B C6    1 
ATOM   136 P  P     . DG  B 2 2 ? 5.527  -4.299  8.246   1.00 23.84 ? 8   DG  B P     1 
ATOM   137 O  OP1   . DG  B 2 2 ? 6.583  -5.302  8.526   1.00 23.74 ? 8   DG  B OP1   1 
ATOM   138 O  OP2   . DG  B 2 2 ? 5.105  -3.330  9.271   1.00 25.55 ? 8   DG  B OP2   1 
ATOM   139 O  "O5'" . DG  B 2 2 ? 5.989  -3.463  6.980   1.00 23.91 ? 8   DG  B "O5'" 1 
ATOM   140 C  "C5'" . DG  B 2 2 ? 5.874  -2.060  6.996   1.00 21.70 ? 8   DG  B "C5'" 1 
ATOM   141 C  "C4'" . DG  B 2 2 ? 6.726  -1.506  5.881   1.00 22.44 ? 8   DG  B "C4'" 1 
ATOM   142 O  "O4'" . DG  B 2 2 ? 6.618  -2.420  4.763   1.00 19.26 ? 8   DG  B "O4'" 1 
ATOM   143 C  "C3'" . DG  B 2 2 ? 6.173  -0.178  5.387   1.00 22.63 ? 8   DG  B "C3'" 1 
ATOM   144 O  "O3'" . DG  B 2 2 ? 6.941  0.904   5.818   1.00 24.97 ? 8   DG  B "O3'" 1 
ATOM   145 C  "C2'" . DG  B 2 2 ? 6.351  -0.214  3.883   1.00 22.82 ? 8   DG  B "C2'" 1 
ATOM   146 C  "C1'" . DG  B 2 2 ? 6.468  -1.685  3.567   1.00 19.01 ? 8   DG  B "C1'" 1 
ATOM   147 N  N9    . DG  B 2 2 ? 5.344  -2.247  2.863   1.00 19.89 ? 8   DG  B N9    1 
ATOM   148 C  C8    . DG  B 2 2 ? 5.471  -2.836  1.642   1.00 16.17 ? 8   DG  B C8    1 
ATOM   149 N  N7    . DG  B 2 2 ? 4.352  -3.308  1.209   1.00 19.47 ? 8   DG  B N7    1 
ATOM   150 C  C5    . DG  B 2 2 ? 3.411  -3.022  2.195   1.00 20.10 ? 8   DG  B C5    1 
ATOM   151 C  C6    . DG  B 2 2 ? 2.016  -3.308  2.253   1.00 19.56 ? 8   DG  B C6    1 
ATOM   152 O  O6    . DG  B 2 2 ? 1.329  -3.896  1.405   1.00 21.03 ? 8   DG  B O6    1 
ATOM   153 N  N1    . DG  B 2 2 ? 1.428  -2.855  3.443   1.00 18.60 ? 8   DG  B N1    1 
ATOM   154 C  C2    . DG  B 2 2 ? 2.112  -2.191  4.450   1.00 16.24 ? 8   DG  B C2    1 
ATOM   155 N  N2    . DG  B 2 2 ? 1.432  -1.811  5.554   1.00 10.71 ? 8   DG  B N2    1 
ATOM   156 N  N3    . DG  B 2 2 ? 3.413  -1.930  4.390   1.00 18.90 ? 8   DG  B N3    1 
ATOM   157 C  C4    . DG  B 2 2 ? 4.011  -2.357  3.241   1.00 19.17 ? 8   DG  B C4    1 
ATOM   158 P  P     . DC  B 2 3 ? 6.631  2.381   5.155   0.50 25.26 ? 9   DC  B P     1 
ATOM   159 O  OP1   . DC  B 2 3 ? 6.300  2.446   3.687   0.50 26.11 ? 9   DC  B OP1   1 
ATOM   160 O  OP2   . DC  B 2 3 ? 7.754  3.245   5.609   0.50 26.86 ? 9   DC  B OP2   1 
ATOM   161 O  "O5'" . DC  B 2 3 ? 5.226  2.509   5.995   1.00 25.37 ? 9   DC  B "O5'" 1 
ATOM   162 C  "C5'" . DC  B 2 3 ? 4.583  3.691   6.627   1.00 22.14 ? 9   DC  B "C5'" 1 
ATOM   163 C  "C4'" . DC  B 2 3 ? 3.038  3.751   6.638   1.00 20.35 ? 9   DC  B "C4'" 1 
ATOM   164 O  "O4'" . DC  B 2 3 ? 2.487  3.642   5.303   1.00 18.94 ? 9   DC  B "O4'" 1 
ATOM   165 C  "C3'" . DC  B 2 3 ? 2.243  2.738   7.512   1.00 20.51 ? 9   DC  B "C3'" 1 
ATOM   166 O  "O3'" . DC  B 2 3 ? 1.011  3.271   8.103   1.00 21.03 ? 9   DC  B "O3'" 1 
ATOM   167 C  "C2'" . DC  B 2 3 ? 1.842  1.683   6.498   1.00 20.31 ? 9   DC  B "C2'" 1 
ATOM   168 C  "C1'" . DC  B 2 3 ? 1.582  2.539   5.262   1.00 21.63 ? 9   DC  B "C1'" 1 
ATOM   169 N  N1    . DC  B 2 3 ? 1.765  1.754   4.002   1.00 18.28 ? 9   DC  B N1    1 
ATOM   170 C  C2    . DC  B 2 3 ? 0.673  1.174   3.338   1.00 19.83 ? 9   DC  B C2    1 
ATOM   171 O  O2    . DC  B 2 3 ? -0.459 1.323   3.788   1.00 19.29 ? 9   DC  B O2    1 
ATOM   172 N  N3    . DC  B 2 3 ? 0.913  0.471   2.199   1.00 18.65 ? 9   DC  B N3    1 
ATOM   173 C  C4    . DC  B 2 3 ? 2.178  0.325   1.765   1.00 21.51 ? 9   DC  B C4    1 
ATOM   174 N  N4    . DC  B 2 3 ? 2.408  -0.353  0.648   1.00 23.54 ? 9   DC  B N4    1 
ATOM   175 C  C5    . DC  B 2 3 ? 3.296  0.923   2.406   1.00 19.89 ? 9   DC  B C5    1 
ATOM   176 C  C6    . DC  B 2 3 ? 3.027  1.608   3.520   1.00 20.16 ? 9   DC  B C6    1 
ATOM   177 P  P     . DG  B 2 4 ? 1.048  4.243   9.396   1.00 24.06 ? 10  DG  B P     1 
ATOM   178 O  OP1   . DG  B 2 4 ? 1.886  3.666   10.473  1.00 19.37 ? 10  DG  B OP1   1 
ATOM   179 O  OP2   . DG  B 2 4 ? -0.337 4.678   9.672   1.00 21.39 ? 10  DG  B OP2   1 
ATOM   180 O  "O5'" . DG  B 2 4 ? 1.866  5.498   8.823   1.00 23.66 ? 10  DG  B "O5'" 1 
ATOM   181 C  "C5'" . DG  B 2 4 ? 1.338  6.820   8.784   1.00 22.50 ? 10  DG  B "C5'" 1 
ATOM   182 C  "C4'" . DG  B 2 4 ? 2.386  7.854   8.383   1.00 20.28 ? 10  DG  B "C4'" 1 
ATOM   183 O  "O4'" . DG  B 2 4 ? 3.523  7.292   7.665   1.00 22.06 ? 10  DG  B "O4'" 1 
ATOM   184 C  "C3'" . DG  B 2 4 ? 1.830  8.924   7.471   1.00 18.38 ? 10  DG  B "C3'" 1 
ATOM   185 O  "O3'" . DG  B 2 4 ? 1.221  9.895   8.319   1.00 17.79 ? 10  DG  B "O3'" 1 
ATOM   186 C  "C2'" . DG  B 2 4 ? 3.055  9.441   6.710   1.00 18.35 ? 10  DG  B "C2'" 1 
ATOM   187 C  "C1'" . DG  B 2 4 ? 4.011  8.255   6.722   1.00 17.77 ? 10  DG  B "C1'" 1 
ATOM   188 N  N9    . DG  B 2 4 ? 4.193  7.494   5.497   1.00 17.90 ? 10  DG  B N9    1 
ATOM   189 C  C8    . DG  B 2 4 ? 5.408  7.270   4.901   1.00 16.69 ? 10  DG  B C8    1 
ATOM   190 N  N7    . DG  B 2 4 ? 5.333  6.529   3.840   1.00 17.99 ? 10  DG  B N7    1 
ATOM   191 C  C5    . DG  B 2 4 ? 3.977  6.240   3.720   1.00 17.18 ? 10  DG  B C5    1 
ATOM   192 C  C6    . DG  B 2 4 ? 3.294  5.478   2.726   1.00 18.91 ? 10  DG  B C6    1 
ATOM   193 O  O6    . DG  B 2 4 ? 3.802  4.865   1.762   1.00 18.17 ? 10  DG  B O6    1 
ATOM   194 N  N1    . DG  B 2 4 ? 1.906  5.433   2.959   1.00 18.19 ? 10  DG  B N1    1 
ATOM   195 C  C2    . DG  B 2 4 ? 1.257  6.033   4.006   1.00 16.00 ? 10  DG  B C2    1 
ATOM   196 N  N2    . DG  B 2 4 ? -0.068 5.888   4.084   1.00 15.52 ? 10  DG  B N2    1 
ATOM   197 N  N3    . DG  B 2 4 ? 1.884  6.750   4.923   1.00 17.16 ? 10  DG  B N3    1 
ATOM   198 C  C4    . DG  B 2 4 ? 3.242  6.830   4.725   1.00 17.92 ? 10  DG  B C4    1 
ATOM   199 P  P     . DT  B 2 5 ? -0.351 10.232  8.280   1.00 21.93 ? 11  DT  B P     1 
ATOM   200 O  OP1   . DT  B 2 5 ? -0.547 11.424  9.106   1.00 19.65 ? 11  DT  B OP1   1 
ATOM   201 O  OP2   . DT  B 2 5 ? -1.146 9.021   8.564   1.00 19.32 ? 11  DT  B OP2   1 
ATOM   202 O  "O5'" . DT  B 2 5 ? -0.565 10.721  6.764   1.00 20.39 ? 11  DT  B "O5'" 1 
ATOM   203 C  "C5'" . DT  B 2 5 ? -1.706 11.534  6.381   1.00 19.91 ? 11  DT  B "C5'" 1 
ATOM   204 C  "C4'" . DT  B 2 5 ? -2.401 10.937  5.167   1.00 19.65 ? 11  DT  B "C4'" 1 
ATOM   205 O  "O4'" . DT  B 2 5 ? -1.521 10.957  4.034   1.00 15.86 ? 11  DT  B "O4'" 1 
ATOM   206 C  "C3'" . DT  B 2 5 ? -2.887 9.500   5.316   1.00 19.98 ? 11  DT  B "C3'" 1 
ATOM   207 O  "O3'" . DT  B 2 5 ? -4.231 9.432   4.783   1.00 20.51 ? 11  DT  B "O3'" 1 
ATOM   208 C  "C2'" . DT  B 2 5 ? -1.844 8.686   4.546   1.00 18.10 ? 11  DT  B "C2'" 1 
ATOM   209 C  "C1'" . DT  B 2 5 ? -1.393 9.678   3.473   1.00 17.71 ? 11  DT  B "C1'" 1 
ATOM   210 N  N1    . DT  B 2 5 ? 0.019  9.505   2.902   1.00 18.15 ? 11  DT  B N1    1 
ATOM   211 C  C2    . DT  B 2 5 ? 0.136  8.745   1.753   1.00 18.63 ? 11  DT  B C2    1 
ATOM   212 O  O2    . DT  B 2 5 ? -0.814 8.220   1.205   1.00 18.63 ? 11  DT  B O2    1 
ATOM   213 N  N3    . DT  B 2 5 ? 1.408  8.606   1.243   1.00 20.87 ? 11  DT  B N3    1 
ATOM   214 C  C4    . DT  B 2 5 ? 2.578  9.148   1.762   1.00 20.38 ? 11  DT  B C4    1 
ATOM   215 O  O4    . DT  B 2 5 ? 3.672  8.979   1.227   1.00 23.07 ? 11  DT  B O4    1 
ATOM   216 C  C5    . DT  B 2 5 ? 2.406  9.954   2.958   1.00 20.64 ? 11  DT  B C5    1 
ATOM   217 C  C7    . DT  B 2 5 ? 3.629  10.582  3.571   1.00 23.94 ? 11  DT  B C7    1 
ATOM   218 C  C6    . DT  B 2 5 ? 1.163  10.097  3.464   1.00 17.35 ? 11  DT  B C6    1 
ATOM   219 P  P     . DG  B 2 6 ? -5.535 9.780   5.666   1.00 24.90 ? 12  DG  B P     1 
ATOM   220 O  OP1   . DG  B 2 6 ? -5.457 9.336   7.071   1.00 23.02 ? 12  DG  B OP1   1 
ATOM   221 O  OP2   . DG  B 2 6 ? -6.670 9.408   4.790   1.00 25.01 ? 12  DG  B OP2   1 
ATOM   222 O  "O5'" . DG  B 2 6 ? -5.506 11.352  5.767   1.00 20.59 ? 12  DG  B "O5'" 1 
ATOM   223 C  "C5'" . DG  B 2 6 ? -5.567 12.099  4.605   1.00 15.23 ? 12  DG  B "C5'" 1 
ATOM   224 C  "C4'" . DG  B 2 6 ? -6.010 13.478  5.021   1.00 18.21 ? 12  DG  B "C4'" 1 
ATOM   225 O  "O4'" . DG  B 2 6 ? -4.932 14.042  5.812   1.00 19.02 ? 12  DG  B "O4'" 1 
ATOM   226 C  "C3'" . DG  B 2 6 ? -6.236 14.396  3.834   1.00 17.82 ? 12  DG  B "C3'" 1 
ATOM   227 O  "O3'" . DG  B 2 6 ? -7.552 14.989  3.914   1.00 21.52 ? 12  DG  B "O3'" 1 
ATOM   228 C  "C2'" . DG  B 2 6 ? -5.182 15.476  3.950   1.00 17.13 ? 12  DG  B "C2'" 1 
ATOM   229 C  "C1'" . DG  B 2 6 ? -4.352 15.170  5.182   1.00 14.74 ? 12  DG  B "C1'" 1 
ATOM   230 N  N9    . DG  B 2 6 ? -2.956 14.967  4.811   1.00 14.89 ? 12  DG  B N9    1 
ATOM   231 C  C8    . DG  B 2 6 ? -1.842 15.481  5.436   1.00 12.50 ? 12  DG  B C8    1 
ATOM   232 N  N7    . DG  B 2 6 ? -0.721 15.116  4.879   1.00 14.02 ? 12  DG  B N7    1 
ATOM   233 C  C5    . DG  B 2 6 ? -1.101 14.320  3.813   1.00 14.83 ? 12  DG  B C5    1 
ATOM   234 C  C6    . DG  B 2 6 ? -0.313 13.645  2.858   1.00 15.52 ? 12  DG  B C6    1 
ATOM   235 O  O6    . DG  B 2 6 ? 0.927  13.663  2.803   1.00 15.92 ? 12  DG  B O6    1 
ATOM   236 N  N1    . DG  B 2 6 ? -1.101 12.928  1.914   1.00 17.80 ? 12  DG  B N1    1 
ATOM   237 C  C2    . DG  B 2 6 ? -2.486 12.862  1.932   1.00 16.79 ? 12  DG  B C2    1 
ATOM   238 N  N2    . DG  B 2 6 ? -3.162 12.131  1.006   1.00 8.80  ? 12  DG  B N2    1 
ATOM   239 N  N3    . DG  B 2 6 ? -3.200 13.486  2.862   1.00 15.22 ? 12  DG  B N3    1 
ATOM   240 C  C4    . DG  B 2 6 ? -2.465 14.199  3.760   1.00 14.25 ? 12  DG  B C4    1 
ATOM   241 P  P     . DT  C 3 1 ? 9.959  -5.567  -10.446 0.83 20.87 ? 13  DT  C P     1 
ATOM   242 O  OP1   . DT  C 3 1 ? 10.213 -5.453  -8.965  0.83 21.01 ? 13  DT  C OP1   1 
ATOM   243 O  OP2   . DT  C 3 1 ? 11.042 -5.818  -11.390 0.83 23.35 ? 13  DT  C OP2   1 
ATOM   244 O  "O5'" . DT  C 3 1 ? 8.629  -6.195  -10.782 1.00 13.95 ? 13  DT  C "O5'" 1 
ATOM   245 C  "C5'" . DT  C 3 1 ? 8.737  -7.386  -11.559 1.00 15.07 ? 13  DT  C "C5'" 1 
ATOM   246 C  "C4'" . DT  C 3 1 ? 7.397  -8.019  -11.799 1.00 15.41 ? 13  DT  C "C4'" 1 
ATOM   247 O  "O4'" . DT  C 3 1 ? 6.723  -7.921  -10.528 1.00 14.08 ? 13  DT  C "O4'" 1 
ATOM   248 C  "C3'" . DT  C 3 1 ? 6.564  -7.336  -12.864 1.00 18.53 ? 13  DT  C "C3'" 1 
ATOM   249 O  "O3'" . DT  C 3 1 ? 5.863  -8.301  -13.717 1.00 19.18 ? 13  DT  C "O3'" 1 
ATOM   250 C  "C2'" . DT  C 3 1 ? 5.597  -6.527  -12.017 1.00 18.73 ? 13  DT  C "C2'" 1 
ATOM   251 C  "C1'" . DT  C 3 1 ? 5.421  -7.448  -10.801 1.00 16.47 ? 13  DT  C "C1'" 1 
ATOM   252 N  N1    . DT  C 3 1 ? 4.921  -6.730  -9.618  1.00 16.11 ? 13  DT  C N1    1 
ATOM   253 C  C2    . DT  C 3 1 ? 3.575  -6.480  -9.504  1.00 12.95 ? 13  DT  C C2    1 
ATOM   254 O  O2    . DT  C 3 1 ? 2.747  -6.833  -10.337 1.00 15.30 ? 13  DT  C O2    1 
ATOM   255 N  N3    . DT  C 3 1 ? 3.221  -5.818  -8.403  1.00 12.16 ? 13  DT  C N3    1 
ATOM   256 C  C4    . DT  C 3 1 ? 4.050  -5.362  -7.413  1.00 14.32 ? 13  DT  C C4    1 
ATOM   257 O  O4    . DT  C 3 1 ? 3.589  -4.760  -6.473  1.00 19.22 ? 13  DT  C O4    1 
ATOM   258 C  C5    . DT  C 3 1 ? 5.462  -5.664  -7.569  1.00 15.17 ? 13  DT  C C5    1 
ATOM   259 C  C7    . DT  C 3 1 ? 6.505  -5.241  -6.575  0.17 15.32 ? 13  DT  C C7    1 
ATOM   260 C  C6    . DT  C 3 1 ? 5.824  -6.325  -8.656  1.00 14.43 ? 13  DT  C C6    1 
ATOM   261 P  P     . DG  C 3 2 ? 6.405  -8.674  -15.166 1.00 22.34 ? 14  DG  C P     1 
ATOM   262 O  OP1   . DG  C 3 2 ? 7.172  -7.525  -15.691 1.00 19.00 ? 14  DG  C OP1   1 
ATOM   263 O  OP2   . DG  C 3 2 ? 5.330  -9.277  -15.959 1.00 22.14 ? 14  DG  C OP2   1 
ATOM   264 O  "O5'" . DG  C 3 2 ? 7.501  -9.785  -14.782 1.00 19.11 ? 14  DG  C "O5'" 1 
ATOM   265 C  "C5'" . DG  C 3 2 ? 7.222  -10.859 -13.900 1.00 16.48 ? 14  DG  C "C5'" 1 
ATOM   266 C  "C4'" . DG  C 3 2 ? 8.482  -11.639 -13.566 1.00 14.19 ? 14  DG  C "C4'" 1 
ATOM   267 O  "O4'" . DG  C 3 2 ? 9.292  -10.934 -12.582 1.00 13.98 ? 14  DG  C "O4'" 1 
ATOM   268 C  "C3'" . DG  C 3 2 ? 8.064  -12.915 -12.884 1.00 14.33 ? 14  DG  C "C3'" 1 
ATOM   269 O  "O3'" . DG  C 3 2 ? 8.235  -13.810 -13.844 1.00 17.42 ? 14  DG  C "O3'" 1 
ATOM   270 C  "C2'" . DG  C 3 2 ? 9.066  -13.138 -11.760 1.00 13.92 ? 14  DG  C "C2'" 1 
ATOM   271 C  "C1'" . DG  C 3 2 ? 9.720  -11.780 -11.547 1.00 13.42 ? 14  DG  C "C1'" 1 
ATOM   272 N  N9    . DG  C 3 2 ? 9.359  -11.123 -10.263 1.00 14.39 ? 14  DG  C N9    1 
ATOM   273 C  C8    . DG  C 3 2 ? 10.272 -10.634 -9.359  1.00 14.16 ? 14  DG  C C8    1 
ATOM   274 N  N7    . DG  C 3 2 ? 9.747  -10.078 -8.313  1.00 14.25 ? 14  DG  C N7    1 
ATOM   275 C  C5    . DG  C 3 2 ? 8.389  -10.193 -8.530  1.00 13.95 ? 14  DG  C C5    1 
ATOM   276 C  C6    . DG  C 3 2 ? 7.327  -9.759  -7.709  1.00 14.25 ? 14  DG  C C6    1 
ATOM   277 O  O6    . DG  C 3 2 ? 7.400  -9.192  -6.611  1.00 15.85 ? 14  DG  C O6    1 
ATOM   278 N  N1    . DG  C 3 2 ? 6.086  -10.025 -8.279  1.00 11.62 ? 14  DG  C N1    1 
ATOM   279 C  C2    . DG  C 3 2 ? 5.888  -10.667 -9.481  1.00 13.01 ? 14  DG  C C2    1 
ATOM   280 N  N2    . DG  C 3 2 ? 4.615  -10.834 -9.859  0.83 11.88 ? 14  DG  C N2    1 
ATOM   281 N  N3    . DG  C 3 2 ? 6.878  -11.081 -10.266 1.00 12.03 ? 14  DG  C N3    1 
ATOM   282 C  C4    . DG  C 3 2 ? 8.115  -10.834 -9.726  1.00 11.97 ? 14  DG  C C4    1 
ATOM   283 O  "O5'" . DT  D 3 1 ? -1.996 -8.627  -4.238  1.00 16.88 ? 15  DT  D "O5'" 1 
ATOM   284 C  "C5'" . DT  D 3 1 ? -2.627 -8.054  -5.429  1.00 12.12 ? 15  DT  D "C5'" 1 
ATOM   285 C  "C4'" . DT  D 3 1 ? -2.096 -8.522  -6.789  1.00 13.56 ? 15  DT  D "C4'" 1 
ATOM   286 O  "O4'" . DT  D 3 1 ? -0.773 -7.990  -7.070  1.00 15.63 ? 15  DT  D "O4'" 1 
ATOM   287 C  "C3'" . DT  D 3 1 ? -1.998 -10.040 -6.961  1.00 12.96 ? 15  DT  D "C3'" 1 
ATOM   288 O  "O3'" . DT  D 3 1 ? -2.310 -10.394 -8.278  1.00 17.80 ? 15  DT  D "O3'" 1 
ATOM   289 C  "C2'" . DT  D 3 1 ? -0.499 -10.299 -6.757  1.00 12.43 ? 15  DT  D "C2'" 1 
ATOM   290 C  "C1'" . DT  D 3 1 ? 0.120  -9.040  -7.389  1.00 10.83 ? 15  DT  D "C1'" 1 
ATOM   291 N  N1    . DT  D 3 1 ? 1.488  -8.745  -6.834  1.00 11.94 ? 15  DT  D N1    1 
ATOM   292 C  C2    . DT  D 3 1 ? 2.622  -9.234  -7.452  1.00 2.76  ? 15  DT  D C2    1 
ATOM   293 O  O2    . DT  D 3 1 ? 2.561  -9.923  -8.454  1.00 13.06 ? 15  DT  D O2    1 
ATOM   294 N  N3    . DT  D 3 1 ? 3.817  -8.894  -6.858  1.00 12.06 ? 15  DT  D N3    1 
ATOM   295 C  C4    . DT  D 3 1 ? 3.972  -8.149  -5.706  1.00 8.95  ? 15  DT  D C4    1 
ATOM   296 O  O4    . DT  D 3 1 ? 5.074  -7.885  -5.221  1.00 13.46 ? 15  DT  D O4    1 
ATOM   297 C  C5    . DT  D 3 1 ? 2.759  -7.664  -5.138  1.00 11.09 ? 15  DT  D C5    1 
ATOM   298 C  C7    . DT  D 3 1 ? 2.811  -6.816  -3.899  0.17 9.60  ? 15  DT  D C7    1 
ATOM   299 C  C6    . DT  D 3 1 ? 1.572  -7.959  -5.713  1.00 7.71  ? 15  DT  D C6    1 
ATOM   300 P  P     . DG  D 3 2 ? -3.781 -10.868 -8.702  1.00 18.47 ? 16  DG  D P     1 
ATOM   301 O  OP1   . DG  D 3 2 ? -4.246 -11.873 -7.738  1.00 19.50 ? 16  DG  D OP1   1 
ATOM   302 O  OP2   . DG  D 3 2 ? -3.683 -11.173 -10.145 1.00 21.30 ? 16  DG  D OP2   1 
ATOM   303 O  "O5'" . DG  D 3 2 ? -4.598 -9.491  -8.634  1.00 19.79 ? 16  DG  D "O5'" 1 
ATOM   304 C  "C5'" . DG  D 3 2 ? -4.380 -8.540  -9.690  1.00 15.19 ? 16  DG  D "C5'" 1 
ATOM   305 C  "C4'" . DG  D 3 2 ? -5.229 -7.323  -9.434  1.00 16.93 ? 16  DG  D "C4'" 1 
ATOM   306 O  "O4'" . DG  D 3 2 ? -5.084 -6.929  -8.053  1.00 17.34 ? 16  DG  D "O4'" 1 
ATOM   307 C  "C3'" . DG  D 3 2 ? -4.832 -6.123  -10.280 1.00 15.07 ? 16  DG  D "C3'" 1 
ATOM   308 O  "O3'" . DG  D 3 2 ? -5.759 -6.094  -11.317 1.00 18.97 ? 16  DG  D "O3'" 1 
ATOM   309 C  "C2'" . DG  D 3 2 ? -5.016 -4.919  -9.368  1.00 15.42 ? 16  DG  D "C2'" 1 
ATOM   310 C  "C1'" . DG  D 3 2 ? -4.854 -5.522  -7.970  1.00 16.61 ? 16  DG  D "C1'" 1 
ATOM   311 N  N9    . DG  D 3 2 ? -3.581 -5.229  -7.298  1.00 14.93 ? 16  DG  D N9    1 
ATOM   312 C  C8    . DG  D 3 2 ? -3.506 -4.698  -6.051  1.00 11.89 ? 16  DG  D C8    1 
ATOM   313 N  N7    . DG  D 3 2 ? -2.309 -4.496  -5.637  1.00 15.70 ? 16  DG  D N7    1 
ATOM   314 C  C5    . DG  D 3 2 ? -1.502 -4.915  -6.665  1.00 15.45 ? 16  DG  D C5    1 
ATOM   315 C  C6    . DG  D 3 2 ? -0.086 -4.904  -6.786  1.00 17.38 ? 16  DG  D C6    1 
ATOM   316 O  O6    . DG  D 3 2 ? 0.747  -4.545  -5.955  1.00 19.03 ? 16  DG  D O6    1 
ATOM   317 N  N1    . DG  D 3 2 ? 0.327  -5.395  -8.025  1.00 19.30 ? 16  DG  D N1    1 
ATOM   318 C  C2    . DG  D 3 2 ? -0.530 -5.820  -9.018  1.00 16.39 ? 16  DG  D C2    1 
ATOM   319 N  N2    . DG  D 3 2 ? 0.013  -6.270  -10.148 0.83 17.94 ? 16  DG  D N2    1 
ATOM   320 N  N3    . DG  D 3 2 ? -1.854 -5.818  -8.908  1.00 17.33 ? 16  DG  D N3    1 
ATOM   321 C  C4    . DG  D 3 2 ? -2.279 -5.348  -7.714  1.00 13.49 ? 16  DG  D C4    1 
HETATM 322 MN MN    A MN  E 4 . ? -0.657 -2.389  -2.553  0.65 24.81 ? 101 MN  A MN    1 
HETATM 323 MN MN    B MN  E 4 . ? -0.112 -3.836  -3.639  0.35 26.77 ? 101 MN  A MN    1 
HETATM 324 O  O     . HOH F 5 . ? -2.558 -3.909  10.774  1.00 26.71 ? 201 HOH A O     1 
HETATM 325 O  O     . HOH F 5 . ? 0.208  -7.757  0.786   1.00 18.07 ? 202 HOH A O     1 
HETATM 326 O  O     . HOH F 5 . ? -5.088 0.959   4.403   1.00 21.16 ? 203 HOH A O     1 
HETATM 327 O  O     . HOH F 5 . ? -6.817 6.140   0.636   1.00 17.62 ? 204 HOH A O     1 
HETATM 328 O  O     . HOH F 5 . ? -4.028 6.337   -1.998  1.00 23.31 ? 205 HOH A O     1 
HETATM 329 O  O     . HOH F 5 . ? 6.586  9.364   -4.001  1.00 29.38 ? 206 HOH A O     1 
HETATM 330 O  O     . HOH F 5 . ? -9.892 3.784   3.379   1.00 31.29 ? 207 HOH A O     1 
HETATM 331 O  O     . HOH F 5 . ? -3.190 5.650   3.185   1.00 30.45 ? 208 HOH A O     1 
HETATM 332 O  O     . HOH F 5 . ? 5.634  12.155  0.015   1.00 21.46 ? 209 HOH A O     1 
HETATM 333 O  O     . HOH F 5 . ? 4.879  7.142   -2.676  1.00 11.91 ? 210 HOH A O     1 
HETATM 334 O  O     . HOH F 5 . ? -7.357 4.625   -4.806  1.00 19.55 ? 211 HOH A O     1 
HETATM 335 O  O     . HOH F 5 . ? 3.980  1.926   -2.836  1.00 32.80 ? 212 HOH A O     1 
HETATM 336 O  O     . HOH F 5 . ? 3.229  -3.149  11.163  0.50 10.84 ? 213 HOH A O     1 
HETATM 337 O  O     . HOH F 5 . ? 2.677  -0.108  11.193  1.00 25.90 ? 214 HOH A O     1 
HETATM 338 O  O     . HOH F 5 . ? 0.185  -4.199  10.810  1.00 25.87 ? 215 HOH A O     1 
HETATM 339 O  O     . HOH G 5 . ? -9.508 7.616   3.035   1.00 20.49 ? 101 HOH B O     1 
HETATM 340 O  O     . HOH G 5 . ? -7.963 6.284   5.897   1.00 23.35 ? 102 HOH B O     1 
HETATM 341 O  O     . HOH G 5 . ? -8.112 7.775   9.428   1.00 27.55 ? 103 HOH B O     1 
HETATM 342 O  O     . HOH G 5 . ? 5.469  -8.775  5.732   1.00 14.87 ? 104 HOH B O     1 
HETATM 343 O  O     . HOH G 5 . ? -1.992 10.243  10.988  1.00 23.10 ? 105 HOH B O     1 
HETATM 344 O  O     . HOH G 5 . ? 7.807  -9.151  8.324   1.00 23.93 ? 106 HOH B O     1 
HETATM 345 O  O     . HOH G 5 . ? -4.098 6.149   7.683   1.00 23.41 ? 107 HOH B O     1 
HETATM 346 O  O     . HOH G 5 . ? -4.232 12.814  8.074   1.00 17.86 ? 108 HOH B O     1 
HETATM 347 O  O     . HOH G 5 . ? -3.376 3.606   9.302   1.00 35.19 ? 109 HOH B O     1 
HETATM 348 O  O     . HOH H 5 . ? 11.080 -7.511  -15.649 1.00 10.66 ? 101 HOH C O     1 
HETATM 349 O  O     . HOH H 5 . ? 11.006 -9.327  -13.466 1.00 19.86 ? 102 HOH C O     1 
HETATM 350 O  O     . HOH H 5 . ? 8.989  -4.531  -16.779 1.00 27.27 ? 103 HOH C O     1 
HETATM 351 O  O     . HOH H 5 . ? 5.561  -3.994  -4.468  1.00 12.66 ? 104 HOH C O     1 
HETATM 352 O  O     . HOH H 5 . ? 3.558  -9.695  -12.476 1.00 25.57 ? 105 HOH C O     1 
HETATM 353 O  O     . HOH H 5 . ? 5.409  -7.027  -17.597 0.50 33.12 ? 106 HOH C O     1 
HETATM 354 O  O     . HOH I 5 . ? 1.786  -5.664  -13.351 1.00 14.65 ? 101 HOH D O     1 
HETATM 355 O  O     . HOH I 5 . ? -6.926 -9.256  -11.587 1.00 25.89 ? 102 HOH D O     1 
HETATM 356 O  O     . HOH I 5 . ? -8.915 -5.178  -12.555 1.00 18.40 ? 103 HOH D O     1 
HETATM 357 O  O     . HOH I 5 . ? -1.182 -9.038  -11.994 1.00 26.25 ? 104 HOH D O     1 
# 
